data_7VQN
#
_entry.id   7VQN
#
_cell.length_a   64.193
_cell.length_b   127.539
_cell.length_c   76.303
_cell.angle_alpha   90.000
_cell.angle_beta   104.288
_cell.angle_gamma   90.000
#
_symmetry.space_group_name_H-M   'P 1 21 1'
#
loop_
_entity.id
_entity.type
_entity.pdbx_description
1 polymer 'Carbapenem-hydrolyzing beta-lactamase KPC'
2 non-polymer 'SULFATE ION'
3 non-polymer '(2R,3S)-3-methyl-4-methylidene-2-[(2S,3R)-3-oxidanyl-1-oxidanylidene-butan-2-yl]-2,3-dihydropyrrole-5-carboxylic acid'
4 water water
#
_entity_poly.entity_id   1
_entity_poly.type   'polypeptide(L)'
_entity_poly.pdbx_seq_one_letter_code
;DLTNLVAEPFAKLEQDFGGSIGVYAMDTGSGATVSYRAEERFPLCSSFKGFLAAAVLARSQQQAGLLDTPIRYGKNALVP
WSPISEKYLTTGMTVAELSAAAVQYSDNAAANLLLKELGGPAGLTAFMRSIGDTTFRLDRWELELNSAIPGDARDTSSPR
AVTESLQKLTLGSALAAPQRQQFVDWLKGNTTGNHRIRAAVPADWAVGDKTGTCGVYGTANDYAVVWPTGRAPIVLAVYT
RAPNKDDKHSEAVIAAAARLALEGLG
;
_entity_poly.pdbx_strand_id   A,B,C,D
#
# COMPACT_ATOMS: atom_id res chain seq x y z
N ASP A 1 -31.64 2.97 -20.74
CA ASP A 1 -31.25 4.39 -20.47
C ASP A 1 -30.27 4.88 -21.56
N LEU A 2 -30.04 6.19 -21.58
CA LEU A 2 -29.32 6.91 -22.66
C LEU A 2 -27.83 7.06 -22.34
N THR A 3 -27.39 6.57 -21.19
CA THR A 3 -26.04 6.72 -20.59
C THR A 3 -24.95 6.18 -21.52
N ASN A 4 -25.27 5.12 -22.28
CA ASN A 4 -24.27 4.45 -23.17
C ASN A 4 -24.64 4.77 -24.60
N LEU A 5 -25.30 5.89 -24.86
CA LEU A 5 -25.65 6.31 -26.24
C LEU A 5 -25.11 7.71 -26.51
N VAL A 6 -24.09 8.12 -25.77
CA VAL A 6 -23.45 9.45 -25.95
C VAL A 6 -22.05 9.29 -26.56
N ALA A 7 -21.44 8.10 -26.52
CA ALA A 7 -20.06 7.85 -27.01
C ALA A 7 -19.95 8.25 -28.48
N GLU A 8 -20.85 7.80 -29.34
CA GLU A 8 -20.80 8.12 -30.80
C GLU A 8 -20.93 9.63 -31.01
N PRO A 9 -21.96 10.32 -30.47
CA PRO A 9 -22.07 11.78 -30.62
C PRO A 9 -20.86 12.56 -30.07
N PHE A 10 -20.25 12.09 -28.96
CA PHE A 10 -19.03 12.72 -28.37
C PHE A 10 -17.85 12.54 -29.33
N ALA A 11 -17.68 11.33 -29.88
CA ALA A 11 -16.63 11.03 -30.88
C ALA A 11 -16.81 11.97 -32.08
N LYS A 12 -18.03 12.13 -32.58
CA LYS A 12 -18.29 13.00 -33.75
C LYS A 12 -17.89 14.43 -33.37
N LEU A 13 -18.27 14.87 -32.17
CA LEU A 13 -17.98 16.25 -31.70
C LEU A 13 -16.46 16.45 -31.60
N GLU A 14 -15.71 15.51 -31.03
CA GLU A 14 -14.26 15.75 -30.81
C GLU A 14 -13.53 15.66 -32.18
N GLN A 15 -14.06 14.88 -33.12
CA GLN A 15 -13.49 14.81 -34.51
C GLN A 15 -13.74 16.13 -35.25
N ASP A 16 -14.93 16.73 -35.14
CA ASP A 16 -15.22 18.04 -35.78
C ASP A 16 -14.35 19.11 -35.12
N PHE A 17 -14.15 19.02 -33.80
CA PHE A 17 -13.36 20.00 -33.00
C PHE A 17 -11.89 19.90 -33.41
N GLY A 18 -11.40 18.69 -33.67
CA GLY A 18 -10.00 18.39 -33.98
C GLY A 18 -9.19 18.07 -32.72
N GLY A 19 -9.81 17.45 -31.71
CA GLY A 19 -9.12 17.16 -30.46
C GLY A 19 -9.81 16.12 -29.61
N SER A 20 -9.64 16.23 -28.29
CA SER A 20 -10.21 15.32 -27.28
C SER A 20 -11.17 16.09 -26.38
N ILE A 21 -12.30 15.46 -26.05
CA ILE A 21 -13.32 16.05 -25.15
C ILE A 21 -13.51 15.07 -24.00
N GLY A 22 -13.49 15.59 -22.78
CA GLY A 22 -13.69 14.81 -21.55
C GLY A 22 -14.90 15.31 -20.81
N VAL A 23 -15.82 14.41 -20.46
CA VAL A 23 -17.10 14.77 -19.82
C VAL A 23 -17.40 13.79 -18.69
N TYR A 24 -17.86 14.32 -17.57
CA TYR A 24 -18.51 13.52 -16.52
C TYR A 24 -19.70 14.33 -16.00
N ALA A 25 -20.88 13.69 -15.99
CA ALA A 25 -22.13 14.30 -15.48
C ALA A 25 -22.80 13.30 -14.53
N MET A 26 -23.35 13.85 -13.46
CA MET A 26 -23.88 13.09 -12.32
C MET A 26 -25.26 13.65 -12.03
N ASP A 27 -26.30 12.80 -12.13
CA ASP A 27 -27.66 13.08 -11.61
C ASP A 27 -27.63 12.73 -10.13
N THR A 28 -27.67 13.72 -9.23
CA THR A 28 -27.58 13.47 -7.76
C THR A 28 -28.89 12.83 -7.26
N GLY A 29 -29.97 12.87 -8.05
CA GLY A 29 -31.23 12.16 -7.77
C GLY A 29 -31.05 10.65 -7.87
N SER A 30 -30.78 10.12 -9.06
CA SER A 30 -30.64 8.67 -9.33
C SER A 30 -29.24 8.14 -8.99
N GLY A 31 -28.20 8.99 -8.95
CA GLY A 31 -26.79 8.54 -8.91
C GLY A 31 -26.27 8.15 -10.29
N ALA A 32 -27.07 8.30 -11.35
CA ALA A 32 -26.70 7.92 -12.73
C ALA A 32 -25.63 8.88 -13.26
N THR A 33 -24.73 8.38 -14.11
CA THR A 33 -23.60 9.17 -14.65
C THR A 33 -23.49 8.98 -16.15
N VAL A 34 -23.02 10.03 -16.81
CA VAL A 34 -22.53 10.02 -18.22
C VAL A 34 -21.01 10.25 -18.16
N SER A 35 -20.28 9.39 -18.87
CA SER A 35 -18.79 9.28 -18.82
C SER A 35 -18.29 9.27 -20.25
N TYR A 36 -17.39 10.18 -20.61
CA TYR A 36 -16.64 10.09 -21.88
C TYR A 36 -15.22 10.63 -21.66
N ARG A 37 -14.20 9.76 -21.76
CA ARG A 37 -12.79 10.09 -21.41
C ARG A 37 -12.74 10.72 -20.01
N ALA A 38 -13.61 10.26 -19.11
CA ALA A 38 -13.88 10.95 -17.83
C ALA A 38 -12.70 10.75 -16.89
N GLU A 39 -11.85 9.75 -17.15
CA GLU A 39 -10.70 9.43 -16.28
C GLU A 39 -9.39 9.86 -16.94
N GLU A 40 -9.41 10.46 -18.11
CA GLU A 40 -8.21 11.05 -18.74
C GLU A 40 -7.88 12.37 -18.02
N ARG A 41 -6.60 12.73 -17.99
CA ARG A 41 -6.13 14.04 -17.49
C ARG A 41 -6.32 15.10 -18.58
N PHE A 42 -6.83 16.26 -18.17
CA PHE A 42 -6.93 17.48 -18.99
C PHE A 42 -6.40 18.63 -18.15
N PRO A 43 -5.71 19.61 -18.76
CA PRO A 43 -5.27 20.79 -18.03
C PRO A 43 -6.47 21.53 -17.40
N LEU A 44 -6.27 21.96 -16.15
CA LEU A 44 -7.25 22.70 -15.34
C LEU A 44 -7.41 24.09 -15.92
N CYS A 45 -6.32 24.70 -16.39
CA CYS A 45 -6.26 26.14 -16.75
C CYS A 45 -6.79 26.90 -15.52
N SER A 46 -7.63 27.93 -15.68
CA SER A 46 -8.19 28.75 -14.59
C SER A 46 -9.19 27.97 -13.74
N SER A 47 -9.60 26.77 -14.14
CA SER A 47 -10.72 26.05 -13.46
C SER A 47 -10.31 25.69 -12.02
N PHE A 48 -9.01 25.66 -11.72
CA PHE A 48 -8.51 25.37 -10.35
C PHE A 48 -8.98 26.44 -9.38
N LYS A 49 -9.29 27.66 -9.87
CA LYS A 49 -9.63 28.82 -9.00
C LYS A 49 -10.92 28.56 -8.20
N GLY A 50 -11.87 27.79 -8.75
CA GLY A 50 -13.08 27.39 -8.00
C GLY A 50 -12.68 26.61 -6.76
N PHE A 51 -11.80 25.62 -6.92
CA PHE A 51 -11.32 24.75 -5.82
C PHE A 51 -10.47 25.57 -4.86
N LEU A 52 -9.73 26.55 -5.38
CA LEU A 52 -8.95 27.51 -4.56
C LEU A 52 -9.88 28.22 -3.57
N ALA A 53 -10.98 28.78 -4.08
CA ALA A 53 -11.99 29.47 -3.25
C ALA A 53 -12.61 28.51 -2.24
N ALA A 54 -12.89 27.27 -2.64
CA ALA A 54 -13.40 26.24 -1.72
C ALA A 54 -12.42 26.01 -0.57
N ALA A 55 -11.11 25.97 -0.87
CA ALA A 55 -10.05 25.71 0.13
C ALA A 55 -9.99 26.85 1.13
N VAL A 56 -10.08 28.09 0.66
CA VAL A 56 -10.18 29.27 1.56
C VAL A 56 -11.39 29.10 2.50
N LEU A 57 -12.56 28.76 1.95
CA LEU A 57 -13.80 28.61 2.76
C LEU A 57 -13.62 27.48 3.78
N ALA A 58 -13.02 26.34 3.38
CA ALA A 58 -12.76 25.20 4.30
C ALA A 58 -11.92 25.69 5.48
N ARG A 59 -10.88 26.47 5.22
CA ARG A 59 -10.00 26.99 6.28
C ARG A 59 -10.76 27.98 7.15
N SER A 60 -11.67 28.77 6.58
CA SER A 60 -12.49 29.79 7.31
C SER A 60 -13.38 29.13 8.39
N GLN A 61 -13.69 27.85 8.24
CA GLN A 61 -14.54 27.08 9.21
C GLN A 61 -13.86 27.01 10.57
N GLN A 62 -12.53 26.88 10.59
CA GLN A 62 -11.73 26.72 11.83
C GLN A 62 -10.96 28.00 12.14
N GLN A 63 -11.13 29.08 11.36
CA GLN A 63 -10.36 30.34 11.54
C GLN A 63 -11.28 31.55 11.31
N ALA A 64 -11.93 32.02 12.37
CA ALA A 64 -12.77 33.24 12.37
C ALA A 64 -11.94 34.41 11.86
N GLY A 65 -12.50 35.23 10.97
CA GLY A 65 -11.86 36.47 10.48
C GLY A 65 -10.99 36.27 9.26
N LEU A 66 -10.81 35.04 8.77
CA LEU A 66 -10.00 34.79 7.54
C LEU A 66 -10.58 35.59 6.38
N LEU A 67 -11.88 35.49 6.13
CA LEU A 67 -12.48 36.05 4.89
C LEU A 67 -12.31 37.58 4.92
N ASP A 68 -12.33 38.21 6.12
CA ASP A 68 -12.28 39.70 6.20
C ASP A 68 -10.83 40.18 6.34
N THR A 69 -9.85 39.28 6.39
CA THR A 69 -8.42 39.64 6.47
C THR A 69 -8.03 40.46 5.24
N PRO A 70 -7.54 41.72 5.44
CA PRO A 70 -7.04 42.53 4.34
C PRO A 70 -5.72 41.97 3.80
N ILE A 71 -5.58 41.96 2.47
CA ILE A 71 -4.33 41.56 1.75
C ILE A 71 -3.86 42.80 1.00
N ARG A 72 -2.73 43.34 1.39
CA ARG A 72 -2.07 44.53 0.80
C ARG A 72 -1.03 43.99 -0.17
N TYR A 73 -1.10 44.36 -1.44
CA TYR A 73 -0.26 43.75 -2.51
C TYR A 73 0.27 44.91 -3.33
N GLY A 74 1.45 44.75 -3.94
CA GLY A 74 2.06 45.79 -4.79
C GLY A 74 1.75 45.55 -6.25
N LYS A 75 2.17 46.45 -7.14
CA LYS A 75 2.07 46.29 -8.62
C LYS A 75 2.74 44.96 -9.03
N ASN A 76 3.76 44.48 -8.29
CA ASN A 76 4.51 43.25 -8.62
C ASN A 76 3.58 42.03 -8.62
N ALA A 77 2.46 42.06 -7.88
CA ALA A 77 1.46 40.97 -7.80
C ALA A 77 0.59 40.92 -9.06
N LEU A 78 0.45 42.04 -9.78
CA LEU A 78 -0.42 42.09 -10.97
C LEU A 78 0.21 41.32 -12.12
N VAL A 79 -0.52 40.34 -12.65
CA VAL A 79 -0.14 39.61 -13.88
C VAL A 79 -1.29 39.82 -14.83
N PRO A 80 -1.12 39.47 -16.13
CA PRO A 80 -2.20 39.62 -17.11
C PRO A 80 -3.52 39.00 -16.63
N TRP A 81 -4.65 39.59 -17.04
CA TRP A 81 -6.04 39.18 -16.68
C TRP A 81 -6.18 39.18 -15.16
N SER A 82 -6.14 40.38 -14.60
CA SER A 82 -6.38 40.67 -13.16
C SER A 82 -7.37 41.84 -13.10
N PRO A 83 -8.55 41.70 -13.71
CA PRO A 83 -9.45 42.83 -13.91
C PRO A 83 -9.99 43.45 -12.61
N ILE A 84 -10.10 42.68 -11.53
CA ILE A 84 -10.57 43.20 -10.22
C ILE A 84 -9.36 43.68 -9.40
N SER A 85 -8.33 42.85 -9.23
CA SER A 85 -7.16 43.16 -8.36
C SER A 85 -6.49 44.48 -8.80
N GLU A 86 -6.46 44.76 -10.11
CA GLU A 86 -5.95 46.03 -10.70
C GLU A 86 -6.59 47.26 -10.04
N LYS A 87 -7.90 47.20 -9.80
CA LYS A 87 -8.70 48.36 -9.34
C LYS A 87 -8.49 48.61 -7.86
N TYR A 88 -7.97 47.65 -7.09
CA TYR A 88 -7.78 47.81 -5.63
C TYR A 88 -6.31 47.78 -5.28
N LEU A 89 -5.45 48.12 -6.25
CA LEU A 89 -3.97 48.09 -6.10
C LEU A 89 -3.58 49.00 -4.93
N THR A 90 -4.20 50.19 -4.84
CA THR A 90 -3.83 51.27 -3.89
C THR A 90 -4.43 50.94 -2.51
N THR A 91 -5.51 50.17 -2.41
CA THR A 91 -6.24 49.92 -1.14
C THR A 91 -6.01 48.50 -0.60
N GLY A 92 -5.63 47.54 -1.45
CA GLY A 92 -5.71 46.10 -1.11
C GLY A 92 -7.15 45.59 -1.09
N MET A 93 -7.34 44.29 -0.81
CA MET A 93 -8.65 43.57 -0.88
C MET A 93 -8.68 42.49 0.21
N THR A 94 -9.87 42.10 0.68
CA THR A 94 -10.01 41.00 1.68
C THR A 94 -9.77 39.66 1.00
N VAL A 95 -9.50 38.62 1.78
CA VAL A 95 -9.43 37.20 1.31
C VAL A 95 -10.72 36.88 0.55
N ALA A 96 -11.89 37.29 1.08
CA ALA A 96 -13.21 37.02 0.46
C ALA A 96 -13.29 37.69 -0.93
N GLU A 97 -12.84 38.92 -1.05
CA GLU A 97 -12.95 39.67 -2.34
C GLU A 97 -12.05 39.03 -3.37
N LEU A 98 -10.84 38.63 -2.99
CA LEU A 98 -9.87 37.93 -3.86
C LEU A 98 -10.49 36.61 -4.35
N SER A 99 -11.15 35.87 -3.45
CA SER A 99 -11.79 34.56 -3.74
C SER A 99 -12.90 34.78 -4.79
N ALA A 100 -13.75 35.79 -4.57
CA ALA A 100 -14.83 36.19 -5.48
C ALA A 100 -14.26 36.60 -6.83
N ALA A 101 -13.21 37.40 -6.83
CA ALA A 101 -12.52 37.85 -8.07
C ALA A 101 -11.98 36.62 -8.80
N ALA A 102 -11.36 35.66 -8.09
CA ALA A 102 -10.74 34.46 -8.72
C ALA A 102 -11.84 33.62 -9.38
N VAL A 103 -12.98 33.44 -8.70
CA VAL A 103 -14.08 32.59 -9.19
C VAL A 103 -14.80 33.31 -10.34
N GLN A 104 -15.19 34.57 -10.14
CA GLN A 104 -16.21 35.24 -11.01
C GLN A 104 -15.57 35.96 -12.20
N TYR A 105 -14.29 36.32 -12.10
CA TYR A 105 -13.54 37.04 -13.16
C TYR A 105 -12.24 36.31 -13.52
N SER A 106 -11.96 35.16 -12.90
CA SER A 106 -10.73 34.38 -13.16
C SER A 106 -9.50 35.26 -12.93
N ASP A 107 -9.56 36.12 -11.92
CA ASP A 107 -8.52 37.13 -11.62
C ASP A 107 -7.22 36.39 -11.25
N ASN A 108 -6.16 36.58 -12.05
CA ASN A 108 -4.89 35.84 -11.90
C ASN A 108 -4.12 36.32 -10.67
N ALA A 109 -4.01 37.63 -10.47
CA ALA A 109 -3.27 38.18 -9.29
C ALA A 109 -3.95 37.69 -8.01
N ALA A 110 -5.29 37.73 -7.99
CA ALA A 110 -6.10 37.26 -6.85
C ALA A 110 -5.80 35.78 -6.59
N ALA A 111 -5.77 34.96 -7.64
CA ALA A 111 -5.52 33.50 -7.53
C ALA A 111 -4.13 33.30 -6.91
N ASN A 112 -3.11 34.02 -7.38
CA ASN A 112 -1.71 33.84 -6.91
C ASN A 112 -1.60 34.28 -5.44
N LEU A 113 -2.26 35.38 -5.07
CA LEU A 113 -2.24 35.88 -3.67
C LEU A 113 -2.92 34.83 -2.76
N LEU A 114 -4.05 34.27 -3.19
CA LEU A 114 -4.76 33.22 -2.40
C LEU A 114 -3.92 31.95 -2.33
N LEU A 115 -3.27 31.58 -3.43
CA LEU A 115 -2.36 30.40 -3.44
C LEU A 115 -1.29 30.62 -2.38
N LYS A 116 -0.72 31.82 -2.31
CA LYS A 116 0.33 32.15 -1.31
C LYS A 116 -0.25 31.88 0.09
N GLU A 117 -1.45 32.37 0.37
CA GLU A 117 -2.13 32.19 1.68
C GLU A 117 -2.27 30.70 2.03
N LEU A 118 -2.46 29.82 1.05
CA LEU A 118 -2.77 28.38 1.31
C LEU A 118 -1.52 27.52 1.17
N GLY A 119 -0.36 28.10 0.92
CA GLY A 119 0.92 27.35 0.84
C GLY A 119 1.21 26.89 -0.57
N GLY A 120 0.82 27.66 -1.57
CA GLY A 120 1.13 27.41 -2.99
C GLY A 120 0.30 26.27 -3.60
N PRO A 121 0.63 25.89 -4.86
CA PRO A 121 -0.03 24.77 -5.53
C PRO A 121 -0.06 23.47 -4.72
N ALA A 122 0.99 23.17 -3.98
CA ALA A 122 1.10 22.04 -3.04
C ALA A 122 -0.01 22.10 -1.98
N GLY A 123 -0.23 23.29 -1.42
CA GLY A 123 -1.27 23.53 -0.40
C GLY A 123 -2.65 23.26 -0.96
N LEU A 124 -2.98 23.76 -2.16
CA LEU A 124 -4.30 23.51 -2.76
C LEU A 124 -4.44 22.02 -3.06
N THR A 125 -3.38 21.39 -3.56
CA THR A 125 -3.38 19.94 -3.89
C THR A 125 -3.70 19.15 -2.60
N ALA A 126 -3.04 19.50 -1.48
CA ALA A 126 -3.26 18.88 -0.16
C ALA A 126 -4.74 19.04 0.28
N PHE A 127 -5.33 20.22 0.08
CA PHE A 127 -6.76 20.43 0.38
C PHE A 127 -7.60 19.43 -0.42
N MET A 128 -7.31 19.29 -1.71
CA MET A 128 -8.08 18.39 -2.59
C MET A 128 -7.90 16.94 -2.13
N ARG A 129 -6.71 16.53 -1.69
CA ARG A 129 -6.50 15.17 -1.11
C ARG A 129 -7.37 15.02 0.14
N SER A 130 -7.51 16.08 0.93
CA SER A 130 -8.21 16.05 2.24
C SER A 130 -9.72 15.81 2.03
N ILE A 131 -10.28 16.09 0.85
CA ILE A 131 -11.71 15.77 0.55
C ILE A 131 -11.80 14.50 -0.30
N GLY A 132 -10.68 13.80 -0.51
CA GLY A 132 -10.64 12.45 -1.15
C GLY A 132 -10.44 12.51 -2.65
N ASP A 133 -9.96 13.65 -3.19
CA ASP A 133 -9.60 13.78 -4.62
C ASP A 133 -8.11 13.40 -4.76
N THR A 134 -7.84 12.24 -5.37
CA THR A 134 -6.47 11.69 -5.53
C THR A 134 -5.95 11.96 -6.96
N THR A 135 -6.75 12.60 -7.80
CA THR A 135 -6.40 12.90 -9.22
C THR A 135 -5.88 14.35 -9.36
N PHE A 136 -6.54 15.33 -8.75
CA PHE A 136 -6.22 16.76 -8.91
C PHE A 136 -4.73 16.97 -8.58
N ARG A 137 -4.01 17.70 -9.43
CA ARG A 137 -2.67 18.22 -9.06
C ARG A 137 -2.51 19.61 -9.63
N LEU A 138 -2.18 20.56 -8.77
CA LEU A 138 -1.64 21.88 -9.18
C LEU A 138 -0.16 21.91 -8.82
N ASP A 139 0.66 22.30 -9.79
CA ASP A 139 2.13 22.21 -9.75
C ASP A 139 2.74 23.62 -9.88
N ARG A 140 2.07 24.53 -10.56
CA ARG A 140 2.62 25.86 -10.92
C ARG A 140 1.59 26.96 -10.58
N TRP A 141 2.01 28.20 -10.76
CA TRP A 141 1.17 29.36 -10.45
C TRP A 141 0.69 29.99 -11.76
N GLU A 142 -0.13 31.03 -11.66
CA GLU A 142 -0.56 31.78 -12.85
C GLU A 142 0.58 32.69 -13.27
N LEU A 143 1.00 32.60 -14.54
CA LEU A 143 0.20 32.00 -15.63
C LEU A 143 0.91 30.78 -16.23
N GLU A 144 1.97 30.29 -15.59
CA GLU A 144 2.81 29.18 -16.13
C GLU A 144 2.04 27.86 -16.15
N LEU A 145 1.01 27.73 -15.33
CA LEU A 145 0.18 26.50 -15.23
C LEU A 145 -0.65 26.30 -16.51
N ASN A 146 -0.65 27.25 -17.44
CA ASN A 146 -1.49 27.22 -18.66
C ASN A 146 -0.79 26.59 -19.89
N SER A 147 0.45 26.09 -19.77
CA SER A 147 1.25 25.58 -20.92
C SER A 147 0.51 24.45 -21.66
N ALA A 148 -0.20 23.56 -20.95
CA ALA A 148 -1.17 22.60 -21.52
C ALA A 148 -0.50 21.70 -22.58
N ILE A 149 0.75 21.30 -22.31
CA ILE A 149 1.58 20.50 -23.25
C ILE A 149 1.00 19.10 -23.27
N PRO A 150 0.70 18.53 -24.46
CA PRO A 150 0.19 17.17 -24.55
C PRO A 150 1.01 16.17 -23.72
N GLY A 151 0.35 15.34 -22.92
CA GLY A 151 0.97 14.27 -22.12
C GLY A 151 1.56 14.77 -20.81
N ASP A 152 1.67 16.08 -20.61
CA ASP A 152 2.21 16.70 -19.36
C ASP A 152 1.10 16.69 -18.31
N ALA A 153 1.31 15.94 -17.21
CA ALA A 153 0.33 15.76 -16.13
C ALA A 153 0.32 16.97 -15.19
N ARG A 154 1.27 17.90 -15.30
CA ARG A 154 1.29 19.10 -14.42
C ARG A 154 -0.02 19.88 -14.58
N ASP A 155 -0.60 20.32 -13.46
CA ASP A 155 -1.75 21.24 -13.46
C ASP A 155 -2.94 20.60 -14.20
N THR A 156 -3.27 19.34 -13.89
CA THR A 156 -4.38 18.60 -14.54
C THR A 156 -5.27 17.93 -13.49
N SER A 157 -6.47 17.57 -13.92
CA SER A 157 -7.35 16.60 -13.22
C SER A 157 -8.14 15.82 -14.28
N SER A 158 -9.08 15.00 -13.86
CA SER A 158 -9.98 14.25 -14.76
C SER A 158 -11.35 14.88 -14.65
N PRO A 159 -12.18 14.87 -15.72
CA PRO A 159 -13.55 15.35 -15.62
C PRO A 159 -14.28 14.70 -14.43
N ARG A 160 -14.04 13.42 -14.18
CA ARG A 160 -14.75 12.68 -13.11
C ARG A 160 -14.33 13.25 -11.73
N ALA A 161 -13.02 13.39 -11.47
CA ALA A 161 -12.50 13.89 -10.18
C ALA A 161 -13.02 15.31 -9.97
N VAL A 162 -13.01 16.13 -11.01
CA VAL A 162 -13.54 17.53 -10.94
C VAL A 162 -15.01 17.49 -10.50
N THR A 163 -15.82 16.67 -11.16
CA THR A 163 -17.27 16.58 -10.89
C THR A 163 -17.50 16.09 -9.46
N GLU A 164 -16.80 15.03 -9.05
CA GLU A 164 -16.94 14.42 -7.71
C GLU A 164 -16.55 15.42 -6.63
N SER A 165 -15.44 16.14 -6.80
CA SER A 165 -14.97 17.16 -5.84
C SER A 165 -15.99 18.31 -5.80
N LEU A 166 -16.49 18.71 -6.96
CA LEU A 166 -17.47 19.82 -7.05
C LEU A 166 -18.74 19.41 -6.27
N GLN A 167 -19.21 18.17 -6.44
CA GLN A 167 -20.40 17.64 -5.72
C GLN A 167 -20.14 17.73 -4.20
N LYS A 168 -19.00 17.23 -3.72
CA LYS A 168 -18.70 17.20 -2.26
C LYS A 168 -18.73 18.63 -1.68
N LEU A 169 -18.26 19.61 -2.44
CA LEU A 169 -18.08 20.99 -1.97
C LEU A 169 -19.38 21.79 -2.06
N THR A 170 -20.21 21.57 -3.08
CA THR A 170 -21.43 22.37 -3.33
C THR A 170 -22.67 21.70 -2.72
N LEU A 171 -22.71 20.38 -2.60
CA LEU A 171 -23.95 19.62 -2.23
C LEU A 171 -23.70 18.67 -1.06
N GLY A 172 -22.49 18.13 -0.93
CA GLY A 172 -22.14 17.20 0.13
C GLY A 172 -21.78 17.94 1.40
N SER A 173 -20.95 17.33 2.25
CA SER A 173 -20.69 17.81 3.62
C SER A 173 -19.24 18.29 3.76
N ALA A 174 -18.48 18.45 2.68
CA ALA A 174 -17.07 18.89 2.76
C ALA A 174 -16.99 20.31 3.32
N LEU A 175 -17.99 21.17 3.06
CA LEU A 175 -18.05 22.53 3.63
C LEU A 175 -19.24 22.61 4.59
N ALA A 176 -19.10 23.38 5.67
CA ALA A 176 -20.21 23.75 6.57
C ALA A 176 -21.20 24.62 5.79
N ALA A 177 -22.45 24.70 6.26
CA ALA A 177 -23.60 25.24 5.52
C ALA A 177 -23.34 26.67 5.04
N PRO A 178 -22.82 27.61 5.85
CA PRO A 178 -22.59 28.96 5.35
C PRO A 178 -21.50 29.00 4.26
N GLN A 179 -20.41 28.28 4.48
CA GLN A 179 -19.29 28.17 3.51
C GLN A 179 -19.81 27.54 2.21
N ARG A 180 -20.59 26.48 2.30
CA ARG A 180 -21.18 25.79 1.13
C ARG A 180 -22.00 26.80 0.32
N GLN A 181 -22.88 27.57 0.96
CA GLN A 181 -23.77 28.49 0.21
C GLN A 181 -22.90 29.59 -0.41
N GLN A 182 -21.82 30.00 0.25
CA GLN A 182 -20.94 31.09 -0.28
C GLN A 182 -20.26 30.58 -1.55
N PHE A 183 -19.76 29.34 -1.55
CA PHE A 183 -19.13 28.73 -2.73
C PHE A 183 -20.16 28.67 -3.87
N VAL A 184 -21.34 28.14 -3.59
CA VAL A 184 -22.47 28.13 -4.57
C VAL A 184 -22.73 29.56 -5.08
N ASP A 185 -22.81 30.58 -4.21
CA ASP A 185 -23.16 31.96 -4.65
C ASP A 185 -22.04 32.52 -5.54
N TRP A 186 -20.78 32.24 -5.20
CA TRP A 186 -19.62 32.66 -6.02
C TRP A 186 -19.73 32.02 -7.41
N LEU A 187 -20.01 30.73 -7.50
CA LEU A 187 -20.13 30.02 -8.80
C LEU A 187 -21.33 30.57 -9.60
N LYS A 188 -22.45 30.91 -8.93
CA LYS A 188 -23.67 31.42 -9.61
C LYS A 188 -23.42 32.80 -10.21
N GLY A 189 -22.57 33.60 -9.55
CA GLY A 189 -22.19 34.95 -10.01
C GLY A 189 -21.03 34.93 -10.98
N ASN A 190 -20.57 33.77 -11.44
CA ASN A 190 -19.48 33.73 -12.45
C ASN A 190 -19.90 34.55 -13.68
N THR A 191 -18.99 35.33 -14.25
CA THR A 191 -19.26 36.18 -15.44
C THR A 191 -18.63 35.61 -16.72
N THR A 192 -17.81 34.56 -16.67
CA THR A 192 -16.96 34.13 -17.82
C THR A 192 -17.59 32.94 -18.55
N GLY A 193 -18.66 32.32 -18.05
CA GLY A 193 -19.17 31.07 -18.67
C GLY A 193 -20.52 31.12 -19.35
N ASN A 194 -20.90 32.25 -19.92
CA ASN A 194 -22.25 32.40 -20.51
C ASN A 194 -22.35 31.63 -21.83
N HIS A 195 -21.21 31.38 -22.47
CA HIS A 195 -21.20 30.71 -23.80
C HIS A 195 -20.83 29.23 -23.65
N ARG A 196 -20.85 28.71 -22.43
CA ARG A 196 -20.46 27.31 -22.20
C ARG A 196 -21.63 26.51 -21.61
N ILE A 197 -21.47 25.88 -20.44
CA ILE A 197 -22.54 25.02 -19.87
C ILE A 197 -23.84 25.82 -19.70
N ARG A 198 -23.74 27.08 -19.36
CA ARG A 198 -24.94 27.96 -19.19
C ARG A 198 -25.76 28.00 -20.48
N ALA A 199 -25.10 27.91 -21.64
CA ALA A 199 -25.79 27.98 -22.95
C ALA A 199 -26.47 26.64 -23.27
N ALA A 200 -26.22 25.59 -22.49
CA ALA A 200 -26.81 24.26 -22.73
C ALA A 200 -28.04 24.05 -21.86
N VAL A 201 -28.41 25.04 -21.05
CA VAL A 201 -29.35 24.87 -19.90
C VAL A 201 -30.52 25.83 -20.07
N PRO A 202 -31.78 25.40 -19.82
CA PRO A 202 -32.90 26.34 -19.80
C PRO A 202 -32.63 27.53 -18.88
N ALA A 203 -33.06 28.73 -19.31
CA ALA A 203 -32.70 30.02 -18.66
C ALA A 203 -33.19 30.07 -17.20
N ASP A 204 -34.27 29.37 -16.86
CA ASP A 204 -34.86 29.46 -15.49
C ASP A 204 -34.27 28.37 -14.55
N TRP A 205 -33.28 27.61 -14.99
CA TRP A 205 -32.52 26.68 -14.10
C TRP A 205 -31.34 27.44 -13.47
N ALA A 206 -31.19 27.38 -12.16
CA ALA A 206 -30.00 27.96 -11.48
C ALA A 206 -28.75 27.18 -11.91
N VAL A 207 -27.68 27.91 -12.19
CA VAL A 207 -26.36 27.36 -12.61
C VAL A 207 -25.25 28.12 -11.87
N GLY A 208 -24.29 27.37 -11.33
CA GLY A 208 -22.98 27.91 -10.91
C GLY A 208 -21.88 27.21 -11.67
N ASP A 209 -20.86 27.94 -12.11
CA ASP A 209 -19.83 27.36 -12.99
C ASP A 209 -18.48 28.04 -12.75
N LYS A 210 -17.40 27.35 -13.10
CA LYS A 210 -16.05 27.94 -13.27
C LYS A 210 -15.45 27.45 -14.58
N THR A 211 -14.92 28.39 -15.37
CA THR A 211 -14.33 28.20 -16.71
C THR A 211 -12.81 28.05 -16.59
N GLY A 212 -12.20 27.47 -17.62
CA GLY A 212 -10.75 27.50 -17.87
C GLY A 212 -10.50 27.69 -19.36
N THR A 213 -9.53 28.52 -19.71
CA THR A 213 -9.07 28.80 -21.08
C THR A 213 -7.54 28.94 -21.06
N CYS A 214 -6.80 27.90 -21.41
CA CYS A 214 -5.32 27.87 -21.37
C CYS A 214 -4.76 28.85 -22.41
N GLY A 215 -5.45 29.01 -23.55
CA GLY A 215 -5.02 29.89 -24.66
C GLY A 215 -4.15 29.15 -25.66
N VAL A 216 -3.86 27.87 -25.42
CA VAL A 216 -2.99 27.02 -26.30
C VAL A 216 -3.58 25.62 -26.38
N TYR A 217 -3.25 24.89 -27.43
CA TYR A 217 -3.58 23.45 -27.57
C TYR A 217 -5.10 23.25 -27.47
N GLY A 218 -5.89 24.18 -28.03
CA GLY A 218 -7.36 24.13 -28.00
C GLY A 218 -7.89 23.69 -26.64
N THR A 219 -7.26 24.13 -25.56
CA THR A 219 -7.48 23.61 -24.20
C THR A 219 -8.35 24.60 -23.41
N ALA A 220 -9.57 24.19 -23.13
CA ALA A 220 -10.57 24.98 -22.39
C ALA A 220 -11.59 24.04 -21.77
N ASN A 221 -12.33 24.54 -20.78
CA ASN A 221 -13.18 23.71 -19.92
C ASN A 221 -14.20 24.56 -19.18
N ASP A 222 -15.14 23.87 -18.56
CA ASP A 222 -16.18 24.47 -17.69
C ASP A 222 -16.63 23.35 -16.78
N TYR A 223 -16.87 23.65 -15.51
CA TYR A 223 -17.64 22.74 -14.63
C TYR A 223 -18.79 23.54 -14.00
N ALA A 224 -19.85 22.86 -13.60
CA ALA A 224 -21.09 23.50 -13.15
C ALA A 224 -21.87 22.57 -12.24
N VAL A 225 -22.59 23.18 -11.31
CA VAL A 225 -23.78 22.59 -10.67
C VAL A 225 -24.98 23.27 -11.32
N VAL A 226 -25.96 22.44 -11.67
CA VAL A 226 -27.24 22.84 -12.31
C VAL A 226 -28.39 22.40 -11.40
N TRP A 227 -29.30 23.32 -11.09
CA TRP A 227 -30.53 23.01 -10.32
C TRP A 227 -31.73 23.05 -11.25
N PRO A 228 -32.17 21.93 -11.83
CA PRO A 228 -33.36 21.93 -12.68
C PRO A 228 -34.57 22.20 -11.77
N THR A 229 -35.53 22.98 -12.26
CA THR A 229 -36.79 23.34 -11.55
C THR A 229 -37.39 22.10 -10.87
N GLY A 230 -37.48 22.12 -9.55
CA GLY A 230 -38.12 21.07 -8.73
C GLY A 230 -37.43 19.70 -8.76
N ARG A 231 -36.18 19.60 -9.22
CA ARG A 231 -35.49 18.27 -9.34
C ARG A 231 -34.13 18.32 -8.64
N ALA A 232 -33.58 17.14 -8.34
CA ALA A 232 -32.24 17.02 -7.69
C ALA A 232 -31.21 17.66 -8.61
N PRO A 233 -30.18 18.33 -8.06
CA PRO A 233 -29.19 18.98 -8.89
C PRO A 233 -28.36 17.99 -9.72
N ILE A 234 -27.78 18.51 -10.79
CA ILE A 234 -26.85 17.81 -11.73
C ILE A 234 -25.49 18.48 -11.60
N VAL A 235 -24.43 17.67 -11.53
CA VAL A 235 -23.03 18.17 -11.49
C VAL A 235 -22.35 17.65 -12.75
N LEU A 236 -21.61 18.50 -13.46
CA LEU A 236 -20.91 18.06 -14.69
C LEU A 236 -19.65 18.92 -14.96
N ALA A 237 -18.71 18.31 -15.67
CA ALA A 237 -17.42 18.89 -16.08
C ALA A 237 -17.22 18.57 -17.56
N VAL A 238 -16.82 19.57 -18.34
CA VAL A 238 -16.50 19.43 -19.77
C VAL A 238 -15.10 20.01 -19.99
N TYR A 239 -14.15 19.18 -20.38
CA TYR A 239 -12.72 19.54 -20.63
C TYR A 239 -12.39 19.22 -22.10
N THR A 240 -11.67 20.10 -22.77
CA THR A 240 -11.16 19.91 -24.14
C THR A 240 -9.64 20.09 -24.14
N ARG A 241 -8.98 19.41 -25.09
CA ARG A 241 -7.59 19.69 -25.49
C ARG A 241 -7.46 19.31 -26.97
N ALA A 242 -6.37 19.75 -27.61
CA ALA A 242 -6.07 19.47 -29.01
C ALA A 242 -4.56 19.30 -29.18
N PRO A 243 -4.10 18.58 -30.22
CA PRO A 243 -2.69 18.20 -30.33
C PRO A 243 -1.71 19.31 -30.77
N ASN A 244 -2.18 20.41 -31.38
CA ASN A 244 -1.30 21.49 -31.88
C ASN A 244 -1.43 22.75 -31.03
N LYS A 245 -0.31 23.41 -30.76
CA LYS A 245 -0.22 24.60 -29.90
C LYS A 245 -1.21 25.69 -30.40
N ASP A 246 -1.40 25.85 -31.71
CA ASP A 246 -2.22 26.95 -32.26
C ASP A 246 -3.65 26.46 -32.60
N ASP A 247 -4.01 25.22 -32.28
CA ASP A 247 -5.44 24.79 -32.32
C ASP A 247 -6.26 25.72 -31.41
N LYS A 248 -7.39 26.21 -31.93
CA LYS A 248 -8.28 27.17 -31.22
C LYS A 248 -9.21 26.33 -30.34
N HIS A 249 -9.42 26.77 -29.09
CA HIS A 249 -10.49 26.24 -28.22
C HIS A 249 -11.83 26.66 -28.83
N SER A 250 -12.92 26.01 -28.43
CA SER A 250 -14.30 26.35 -28.88
C SER A 250 -15.25 26.35 -27.68
N GLU A 251 -15.88 27.49 -27.39
CA GLU A 251 -16.97 27.58 -26.40
C GLU A 251 -18.16 26.77 -26.92
N ALA A 252 -18.49 26.85 -28.21
CA ALA A 252 -19.64 26.14 -28.83
C ALA A 252 -19.51 24.62 -28.63
N VAL A 253 -18.30 24.08 -28.78
CA VAL A 253 -18.03 22.63 -28.55
C VAL A 253 -18.32 22.30 -27.07
N ILE A 254 -17.91 23.15 -26.14
CA ILE A 254 -18.14 22.90 -24.68
C ILE A 254 -19.65 22.89 -24.43
N ALA A 255 -20.38 23.87 -24.97
CA ALA A 255 -21.86 23.97 -24.87
C ALA A 255 -22.48 22.69 -25.46
N ALA A 256 -22.01 22.23 -26.62
CA ALA A 256 -22.63 21.09 -27.33
C ALA A 256 -22.41 19.83 -26.50
N ALA A 257 -21.23 19.70 -25.90
CA ALA A 257 -20.88 18.55 -25.04
C ALA A 257 -21.74 18.56 -23.78
N ALA A 258 -21.99 19.75 -23.21
CA ALA A 258 -22.87 19.90 -22.03
C ALA A 258 -24.29 19.46 -22.38
N ARG A 259 -24.80 19.89 -23.55
CA ARG A 259 -26.14 19.46 -24.03
C ARG A 259 -26.17 17.92 -24.11
N LEU A 260 -25.17 17.29 -24.72
CA LEU A 260 -25.16 15.81 -24.86
C LEU A 260 -25.16 15.17 -23.47
N ALA A 261 -24.37 15.70 -22.54
CA ALA A 261 -24.22 15.10 -21.19
C ALA A 261 -25.59 15.12 -20.49
N LEU A 262 -26.27 16.25 -20.57
CA LEU A 262 -27.60 16.42 -19.92
C LEU A 262 -28.63 15.52 -20.59
N GLU A 263 -28.67 15.50 -21.93
CA GLU A 263 -29.59 14.60 -22.67
C GLU A 263 -29.29 13.15 -22.28
N GLY A 264 -28.01 12.79 -22.12
CA GLY A 264 -27.58 11.42 -21.77
C GLY A 264 -28.10 10.98 -20.42
N LEU A 265 -28.45 11.93 -19.54
CA LEU A 265 -28.98 11.63 -18.18
C LEU A 265 -30.52 11.48 -18.22
N GLY A 266 -31.13 11.63 -19.39
CA GLY A 266 -32.60 11.51 -19.59
C GLY A 266 -33.16 10.21 -19.02
N ASP B 1 35.37 32.12 -0.28
CA ASP B 1 33.89 31.98 -0.16
C ASP B 1 33.56 31.01 0.99
N LEU B 2 32.29 30.60 1.09
CA LEU B 2 31.67 29.94 2.27
C LEU B 2 31.71 28.42 2.11
N THR B 3 32.29 27.88 1.04
CA THR B 3 32.21 26.44 0.70
C THR B 3 32.96 25.59 1.71
N ASN B 4 33.90 26.20 2.44
CA ASN B 4 34.73 25.57 3.50
C ASN B 4 34.10 25.81 4.88
N LEU B 5 32.87 26.33 4.98
CA LEU B 5 32.28 26.73 6.29
C LEU B 5 30.93 26.06 6.48
N VAL B 6 30.75 24.89 5.88
CA VAL B 6 29.49 24.10 5.99
C VAL B 6 29.73 22.82 6.83
N ALA B 7 30.99 22.41 7.02
CA ALA B 7 31.34 21.14 7.70
C ALA B 7 30.74 21.11 9.11
N GLU B 8 30.96 22.15 9.91
CA GLU B 8 30.47 22.20 11.32
C GLU B 8 28.94 22.15 11.32
N PRO B 9 28.21 23.04 10.59
CA PRO B 9 26.74 22.96 10.56
C PRO B 9 26.19 21.59 10.08
N PHE B 10 26.87 20.96 9.11
CA PHE B 10 26.45 19.62 8.59
C PHE B 10 26.66 18.56 9.68
N ALA B 11 27.81 18.60 10.37
CA ALA B 11 28.11 17.69 11.50
C ALA B 11 27.02 17.82 12.56
N LYS B 12 26.64 19.05 12.91
CA LYS B 12 25.59 19.28 13.94
C LYS B 12 24.29 18.66 13.43
N LEU B 13 23.95 18.88 12.16
CA LEU B 13 22.69 18.37 11.57
C LEU B 13 22.69 16.84 11.58
N GLU B 14 23.78 16.18 11.19
CA GLU B 14 23.76 14.69 11.08
C GLU B 14 23.77 14.08 12.50
N GLN B 15 24.33 14.79 13.47
CA GLN B 15 24.33 14.33 14.90
C GLN B 15 22.92 14.45 15.46
N ASP B 16 22.18 15.53 15.18
CA ASP B 16 20.78 15.69 15.64
C ASP B 16 19.90 14.63 14.96
N PHE B 17 20.18 14.34 13.68
CA PHE B 17 19.44 13.34 12.87
C PHE B 17 19.68 11.93 13.44
N GLY B 18 20.91 11.64 13.87
CA GLY B 18 21.34 10.31 14.34
C GLY B 18 21.92 9.47 13.23
N GLY B 19 22.60 10.08 12.26
CA GLY B 19 23.15 9.33 11.12
C GLY B 19 24.14 10.14 10.31
N SER B 20 24.24 9.82 9.02
CA SER B 20 25.18 10.45 8.06
C SER B 20 24.40 11.20 6.98
N ILE B 21 24.90 12.37 6.61
CA ILE B 21 24.30 13.24 5.56
C ILE B 21 25.37 13.50 4.51
N GLY B 22 25.03 13.29 3.25
CA GLY B 22 25.94 13.48 2.12
C GLY B 22 25.39 14.52 1.17
N VAL B 23 26.21 15.52 0.84
CA VAL B 23 25.77 16.68 0.04
C VAL B 23 26.84 17.01 -1.00
N TYR B 24 26.40 17.30 -2.20
CA TYR B 24 27.23 17.99 -3.22
C TYR B 24 26.33 18.99 -3.93
N ALA B 25 26.80 20.23 -4.02
CA ALA B 25 26.07 21.33 -4.70
C ALA B 25 27.06 22.06 -5.61
N MET B 26 26.57 22.41 -6.78
CA MET B 26 27.38 23.00 -7.87
C MET B 26 26.65 24.25 -8.33
N ASP B 27 27.29 25.42 -8.20
CA ASP B 27 26.84 26.68 -8.83
C ASP B 27 27.37 26.67 -10.26
N THR B 28 26.52 26.49 -11.27
CA THR B 28 26.95 26.41 -12.69
C THR B 28 27.39 27.81 -13.17
N GLY B 29 27.05 28.87 -12.44
CA GLY B 29 27.53 30.25 -12.69
C GLY B 29 29.02 30.36 -12.41
N SER B 30 29.43 30.23 -11.15
CA SER B 30 30.83 30.41 -10.69
C SER B 30 31.67 29.13 -10.89
N GLY B 31 31.06 27.95 -10.98
CA GLY B 31 31.78 26.67 -10.92
C GLY B 31 32.09 26.23 -9.49
N ALA B 32 31.70 27.02 -8.48
CA ALA B 32 31.95 26.72 -7.06
C ALA B 32 31.14 25.49 -6.61
N THR B 33 31.66 24.73 -5.66
CA THR B 33 30.98 23.54 -5.13
C THR B 33 31.00 23.51 -3.61
N VAL B 34 29.97 22.93 -3.02
CA VAL B 34 29.88 22.55 -1.58
C VAL B 34 29.89 21.02 -1.51
N SER B 35 30.72 20.49 -0.64
CA SER B 35 31.06 19.06 -0.44
C SER B 35 30.90 18.71 1.03
N TYR B 36 30.10 17.71 1.35
CA TYR B 36 30.12 17.10 2.71
C TYR B 36 29.82 15.61 2.56
N ARG B 37 30.79 14.73 2.88
CA ARG B 37 30.70 13.27 2.64
C ARG B 37 30.31 13.03 1.18
N ALA B 38 30.77 13.86 0.25
CA ALA B 38 30.24 13.94 -1.12
C ALA B 38 30.72 12.72 -1.90
N GLU B 39 31.79 12.07 -1.44
CA GLU B 39 32.36 10.89 -2.15
C GLU B 39 32.03 9.58 -1.41
N GLU B 40 31.28 9.64 -0.31
CA GLU B 40 30.78 8.42 0.36
C GLU B 40 29.61 7.84 -0.47
N ARG B 41 29.42 6.52 -0.40
CA ARG B 41 28.28 5.82 -1.00
C ARG B 41 27.07 5.95 -0.07
N PHE B 42 25.92 6.23 -0.67
CA PHE B 42 24.60 6.21 -0.01
C PHE B 42 23.68 5.42 -0.92
N PRO B 43 22.71 4.67 -0.35
CA PRO B 43 21.71 4.00 -1.17
C PRO B 43 20.92 5.01 -2.02
N LEU B 44 20.70 4.65 -3.28
CA LEU B 44 19.95 5.46 -4.28
C LEU B 44 18.47 5.45 -3.90
N CYS B 45 17.97 4.32 -3.40
CA CYS B 45 16.52 4.09 -3.22
C CYS B 45 15.86 4.41 -4.58
N SER B 46 14.69 5.06 -4.60
CA SER B 46 13.93 5.36 -5.84
C SER B 46 14.65 6.42 -6.69
N SER B 47 15.71 7.06 -6.18
CA SER B 47 16.34 8.22 -6.88
C SER B 47 16.94 7.76 -8.21
N PHE B 48 17.20 6.48 -8.40
CA PHE B 48 17.73 5.95 -9.68
C PHE B 48 16.72 6.18 -10.80
N LYS B 49 15.42 6.34 -10.49
CA LYS B 49 14.34 6.41 -11.51
C LYS B 49 14.50 7.65 -12.41
N GLY B 50 15.05 8.74 -11.87
CA GLY B 50 15.39 9.92 -12.68
C GLY B 50 16.38 9.56 -13.76
N PHE B 51 17.48 8.94 -13.39
CA PHE B 51 18.55 8.52 -14.33
C PHE B 51 17.99 7.48 -15.30
N LEU B 52 17.02 6.71 -14.83
CA LEU B 52 16.41 5.66 -15.68
C LEU B 52 15.62 6.34 -16.81
N ALA B 53 14.90 7.42 -16.51
CA ALA B 53 14.17 8.16 -17.55
C ALA B 53 15.17 8.84 -18.48
N ALA B 54 16.30 9.31 -17.93
CA ALA B 54 17.34 9.94 -18.76
C ALA B 54 17.88 8.93 -19.77
N ALA B 55 18.11 7.69 -19.33
CA ALA B 55 18.62 6.60 -20.19
C ALA B 55 17.63 6.27 -21.32
N VAL B 56 16.34 6.20 -21.01
CA VAL B 56 15.27 6.06 -22.02
C VAL B 56 15.39 7.19 -23.05
N LEU B 57 15.49 8.44 -22.59
CA LEU B 57 15.54 9.61 -23.49
C LEU B 57 16.81 9.54 -24.35
N ALA B 58 17.96 9.15 -23.77
CA ALA B 58 19.24 8.99 -24.52
C ALA B 58 19.03 7.99 -25.65
N ARG B 59 18.39 6.86 -25.37
CA ARG B 59 18.14 5.81 -26.38
C ARG B 59 17.15 6.34 -27.44
N SER B 60 16.18 7.19 -27.06
CA SER B 60 15.16 7.78 -27.99
C SER B 60 15.85 8.67 -29.06
N GLN B 61 17.03 9.18 -28.79
CA GLN B 61 17.81 10.04 -29.74
C GLN B 61 18.21 9.23 -30.98
N GLN B 62 18.48 7.93 -30.84
CA GLN B 62 18.95 7.04 -31.92
C GLN B 62 17.84 6.09 -32.36
N GLN B 63 16.64 6.19 -31.77
CA GLN B 63 15.52 5.25 -32.04
C GLN B 63 14.20 5.99 -32.03
N ALA B 64 13.78 6.52 -33.19
CA ALA B 64 12.51 7.25 -33.35
C ALA B 64 11.38 6.31 -32.94
N GLY B 65 10.38 6.81 -32.22
CA GLY B 65 9.17 6.05 -31.83
C GLY B 65 9.35 5.25 -30.53
N LEU B 66 10.52 5.28 -29.88
CA LEU B 66 10.70 4.60 -28.56
C LEU B 66 9.66 5.12 -27.56
N LEU B 67 9.51 6.43 -27.42
CA LEU B 67 8.64 6.99 -26.35
C LEU B 67 7.18 6.55 -26.59
N ASP B 68 6.75 6.36 -27.84
CA ASP B 68 5.33 6.02 -28.16
C ASP B 68 5.15 4.50 -28.19
N THR B 69 6.23 3.72 -28.03
CA THR B 69 6.16 2.23 -28.01
C THR B 69 5.26 1.77 -26.86
N PRO B 70 4.17 1.02 -27.16
CA PRO B 70 3.31 0.44 -26.12
C PRO B 70 4.01 -0.73 -25.41
N ILE B 71 3.88 -0.78 -24.09
CA ILE B 71 4.37 -1.90 -23.23
C ILE B 71 3.14 -2.54 -22.59
N ARG B 72 2.94 -3.82 -22.89
CA ARG B 72 1.83 -4.64 -22.32
C ARG B 72 2.43 -5.41 -21.15
N TYR B 73 1.80 -5.36 -19.98
CA TYR B 73 2.28 -6.04 -18.76
C TYR B 73 1.09 -6.70 -18.10
N GLY B 74 1.32 -7.79 -17.36
CA GLY B 74 0.29 -8.49 -16.55
C GLY B 74 0.32 -8.05 -15.11
N LYS B 75 -0.59 -8.55 -14.27
CA LYS B 75 -0.61 -8.14 -12.84
C LYS B 75 0.64 -8.63 -12.11
N ASN B 76 1.33 -9.64 -12.64
CA ASN B 76 2.60 -10.13 -12.07
C ASN B 76 3.66 -9.01 -12.02
N ALA B 77 3.57 -8.01 -12.90
CA ALA B 77 4.53 -6.88 -13.00
C ALA B 77 4.24 -5.85 -11.91
N LEU B 78 3.02 -5.81 -11.39
CA LEU B 78 2.64 -4.83 -10.34
C LEU B 78 3.30 -5.25 -9.01
N VAL B 79 4.09 -4.36 -8.45
CA VAL B 79 4.70 -4.54 -7.11
C VAL B 79 4.16 -3.39 -6.31
N PRO B 80 4.30 -3.42 -4.97
CA PRO B 80 3.82 -2.33 -4.14
C PRO B 80 4.34 -0.96 -4.61
N TRP B 81 3.51 0.07 -4.42
CA TRP B 81 3.70 1.46 -4.90
C TRP B 81 3.88 1.47 -6.42
N SER B 82 2.81 1.11 -7.13
CA SER B 82 2.65 1.22 -8.60
C SER B 82 1.32 1.90 -8.88
N PRO B 83 1.10 3.12 -8.34
CA PRO B 83 -0.22 3.76 -8.40
C PRO B 83 -0.72 4.08 -9.83
N ILE B 84 0.18 4.30 -10.78
CA ILE B 84 -0.18 4.66 -12.18
C ILE B 84 -0.27 3.36 -12.99
N SER B 85 0.76 2.50 -12.95
CA SER B 85 0.83 1.27 -13.78
C SER B 85 -0.38 0.36 -13.47
N GLU B 86 -0.84 0.34 -12.22
CA GLU B 86 -1.98 -0.49 -11.80
C GLU B 86 -3.25 -0.12 -12.59
N LYS B 87 -3.43 1.15 -12.96
CA LYS B 87 -4.67 1.63 -13.61
C LYS B 87 -4.74 1.15 -15.07
N TYR B 88 -3.61 0.83 -15.70
CA TYR B 88 -3.54 0.65 -17.18
C TYR B 88 -3.17 -0.80 -17.52
N LEU B 89 -3.46 -1.72 -16.59
CA LEU B 89 -3.27 -3.17 -16.76
C LEU B 89 -3.92 -3.67 -18.06
N THR B 90 -5.12 -3.21 -18.38
CA THR B 90 -5.90 -3.70 -19.56
C THR B 90 -5.36 -3.08 -20.86
N THR B 91 -4.84 -1.85 -20.83
CA THR B 91 -4.45 -1.08 -22.05
C THR B 91 -2.92 -1.05 -22.27
N GLY B 92 -2.14 -1.35 -21.24
CA GLY B 92 -0.69 -1.08 -21.23
C GLY B 92 -0.40 0.42 -21.20
N MET B 93 0.87 0.77 -21.27
CA MET B 93 1.34 2.17 -21.21
C MET B 93 2.51 2.31 -22.19
N THR B 94 2.67 3.49 -22.77
CA THR B 94 3.81 3.83 -23.64
C THR B 94 5.07 3.98 -22.78
N VAL B 95 6.24 3.88 -23.39
CA VAL B 95 7.53 4.12 -22.72
C VAL B 95 7.51 5.52 -22.07
N ALA B 96 6.95 6.52 -22.74
CA ALA B 96 6.81 7.91 -22.24
C ALA B 96 5.98 7.94 -20.94
N GLU B 97 4.83 7.25 -20.94
CA GLU B 97 3.90 7.27 -19.76
C GLU B 97 4.59 6.58 -18.56
N LEU B 98 5.26 5.45 -18.80
CA LEU B 98 6.00 4.70 -17.77
C LEU B 98 7.10 5.60 -17.18
N SER B 99 7.83 6.33 -18.03
CA SER B 99 8.96 7.22 -17.64
C SER B 99 8.41 8.30 -16.71
N ALA B 100 7.31 8.95 -17.13
CA ALA B 100 6.64 10.02 -16.36
C ALA B 100 6.15 9.46 -15.01
N ALA B 101 5.54 8.27 -15.03
CA ALA B 101 5.07 7.61 -13.80
C ALA B 101 6.26 7.31 -12.87
N ALA B 102 7.37 6.81 -13.41
CA ALA B 102 8.57 6.44 -12.60
C ALA B 102 9.16 7.70 -11.95
N VAL B 103 9.24 8.80 -12.71
CA VAL B 103 9.89 10.05 -12.20
C VAL B 103 8.93 10.73 -11.21
N GLN B 104 7.66 10.91 -11.59
CA GLN B 104 6.77 11.90 -10.89
C GLN B 104 5.99 11.22 -9.75
N TYR B 105 5.81 9.89 -9.79
CA TYR B 105 5.05 9.13 -8.76
C TYR B 105 5.90 7.99 -8.19
N SER B 106 7.15 7.84 -8.63
CA SER B 106 8.08 6.78 -8.18
C SER B 106 7.44 5.40 -8.38
N ASP B 107 6.69 5.25 -9.49
CA ASP B 107 5.93 4.02 -9.81
C ASP B 107 6.93 2.85 -9.97
N ASN B 108 6.84 1.83 -9.12
CA ASN B 108 7.83 0.72 -9.07
C ASN B 108 7.69 -0.20 -10.27
N ALA B 109 6.46 -0.60 -10.63
CA ALA B 109 6.23 -1.47 -11.80
C ALA B 109 6.75 -0.76 -13.06
N ALA B 110 6.48 0.53 -13.19
CA ALA B 110 6.95 1.37 -14.32
C ALA B 110 8.48 1.32 -14.38
N ALA B 111 9.14 1.53 -13.24
CA ALA B 111 10.62 1.49 -13.15
C ALA B 111 11.14 0.13 -13.61
N ASN B 112 10.53 -0.96 -13.17
CA ASN B 112 10.99 -2.35 -13.48
C ASN B 112 10.78 -2.61 -14.98
N LEU B 113 9.66 -2.18 -15.55
CA LEU B 113 9.37 -2.36 -16.99
C LEU B 113 10.39 -1.57 -17.83
N LEU B 114 10.71 -0.35 -17.42
CA LEU B 114 11.73 0.47 -18.13
C LEU B 114 13.11 -0.16 -17.98
N LEU B 115 13.42 -0.66 -16.78
CA LEU B 115 14.71 -1.36 -16.56
C LEU B 115 14.79 -2.55 -17.53
N LYS B 116 13.71 -3.30 -17.70
CA LYS B 116 13.65 -4.46 -18.62
C LYS B 116 14.01 -3.96 -20.02
N GLU B 117 13.40 -2.87 -20.49
CA GLU B 117 13.70 -2.24 -21.80
C GLU B 117 15.20 -1.95 -21.98
N LEU B 118 15.90 -1.58 -20.92
CA LEU B 118 17.31 -1.11 -21.01
C LEU B 118 18.30 -2.24 -20.71
N GLY B 119 17.83 -3.45 -20.43
CA GLY B 119 18.71 -4.58 -20.11
C GLY B 119 19.01 -4.68 -18.62
N GLY B 120 18.06 -4.30 -17.78
CA GLY B 120 18.17 -4.49 -16.32
C GLY B 120 19.08 -3.45 -15.64
N PRO B 121 19.34 -3.62 -14.35
CA PRO B 121 20.23 -2.75 -13.60
C PRO B 121 21.60 -2.54 -14.27
N ALA B 122 22.17 -3.58 -14.87
CA ALA B 122 23.43 -3.52 -15.63
C ALA B 122 23.30 -2.52 -16.79
N GLY B 123 22.19 -2.54 -17.51
CA GLY B 123 21.90 -1.61 -18.62
C GLY B 123 21.87 -0.16 -18.17
N LEU B 124 21.19 0.16 -17.07
CA LEU B 124 21.16 1.55 -16.54
C LEU B 124 22.58 1.94 -16.09
N THR B 125 23.29 1.01 -15.44
CA THR B 125 24.68 1.25 -14.96
C THR B 125 25.56 1.58 -16.17
N ALA B 126 25.43 0.83 -17.26
CA ALA B 126 26.18 1.03 -18.53
C ALA B 126 25.88 2.43 -19.09
N PHE B 127 24.62 2.86 -19.08
CA PHE B 127 24.27 4.22 -19.53
C PHE B 127 25.04 5.25 -18.69
N MET B 128 25.06 5.07 -17.37
CA MET B 128 25.73 6.02 -16.47
C MET B 128 27.24 6.02 -16.75
N ARG B 129 27.85 4.87 -17.04
CA ARG B 129 29.30 4.80 -17.41
C ARG B 129 29.50 5.59 -18.71
N SER B 130 28.53 5.53 -19.63
CA SER B 130 28.64 6.15 -20.98
C SER B 130 28.66 7.68 -20.86
N ILE B 131 28.15 8.27 -19.77
CA ILE B 131 28.22 9.75 -19.58
C ILE B 131 29.34 10.10 -18.60
N GLY B 132 30.18 9.12 -18.21
CA GLY B 132 31.40 9.34 -17.41
C GLY B 132 31.17 9.21 -15.91
N ASP B 133 30.07 8.58 -15.48
CA ASP B 133 29.81 8.28 -14.05
C ASP B 133 30.34 6.88 -13.76
N THR B 134 31.44 6.79 -13.01
CA THR B 134 32.16 5.53 -12.67
C THR B 134 31.77 5.08 -11.26
N THR B 135 30.92 5.83 -10.56
CA THR B 135 30.51 5.57 -9.16
C THR B 135 29.16 4.85 -9.12
N PHE B 136 28.19 5.32 -9.90
CA PHE B 136 26.80 4.81 -9.87
C PHE B 136 26.82 3.29 -10.07
N ARG B 137 26.08 2.56 -9.25
CA ARG B 137 25.78 1.15 -9.54
C ARG B 137 24.34 0.84 -9.15
N LEU B 138 23.58 0.32 -10.08
CA LEU B 138 22.31 -0.39 -9.80
C LEU B 138 22.53 -1.88 -10.02
N ASP B 139 22.13 -2.67 -9.03
CA ASP B 139 22.43 -4.11 -8.90
C ASP B 139 21.14 -4.92 -8.88
N ARG B 140 20.06 -4.32 -8.37
CA ARG B 140 18.78 -5.04 -8.11
C ARG B 140 17.62 -4.24 -8.70
N TRP B 141 16.45 -4.86 -8.65
CA TRP B 141 15.16 -4.33 -9.15
C TRP B 141 14.37 -3.80 -7.95
N GLU B 142 13.27 -3.08 -8.23
CA GLU B 142 12.27 -2.69 -7.21
C GLU B 142 11.55 -3.98 -6.78
N LEU B 143 11.40 -4.24 -5.47
CA LEU B 143 11.74 -3.34 -4.37
C LEU B 143 13.02 -3.76 -3.63
N GLU B 144 13.69 -4.83 -4.03
CA GLU B 144 14.85 -5.39 -3.30
C GLU B 144 15.99 -4.36 -3.19
N LEU B 145 16.11 -3.42 -4.14
CA LEU B 145 17.21 -2.42 -4.16
C LEU B 145 17.13 -1.46 -2.97
N ASN B 146 16.07 -1.52 -2.17
CA ASN B 146 15.82 -0.59 -1.03
C ASN B 146 16.34 -1.11 0.32
N SER B 147 17.02 -2.27 0.37
CA SER B 147 17.45 -2.91 1.65
C SER B 147 18.35 -1.96 2.46
N ALA B 148 19.23 -1.19 1.81
CA ALA B 148 19.98 -0.05 2.41
C ALA B 148 20.81 -0.52 3.61
N ILE B 149 21.39 -1.71 3.54
CA ILE B 149 22.19 -2.31 4.66
C ILE B 149 23.49 -1.53 4.77
N PRO B 150 23.86 -1.03 5.97
CA PRO B 150 25.13 -0.35 6.15
C PRO B 150 26.31 -1.15 5.60
N GLY B 151 27.20 -0.52 4.83
CA GLY B 151 28.42 -1.14 4.29
C GLY B 151 28.17 -1.90 2.99
N ASP B 152 26.91 -2.14 2.62
CA ASP B 152 26.52 -2.79 1.34
C ASP B 152 26.59 -1.76 0.21
N ALA B 153 27.48 -1.94 -0.76
CA ALA B 153 27.68 -1.00 -1.88
C ALA B 153 26.63 -1.21 -2.99
N ARG B 154 25.82 -2.25 -2.91
CA ARG B 154 24.78 -2.51 -3.96
C ARG B 154 23.81 -1.30 -4.03
N ASP B 155 23.47 -0.85 -5.24
CA ASP B 155 22.39 0.14 -5.46
C ASP B 155 22.75 1.45 -4.76
N THR B 156 24.00 1.92 -4.94
CA THR B 156 24.51 3.16 -4.30
C THR B 156 25.16 4.05 -5.35
N SER B 157 25.31 5.32 -5.00
CA SER B 157 26.22 6.27 -5.66
C SER B 157 26.72 7.25 -4.60
N SER B 158 27.47 8.25 -5.02
CA SER B 158 27.95 9.33 -4.13
C SER B 158 27.14 10.59 -4.46
N PRO B 159 26.90 11.48 -3.49
CA PRO B 159 26.25 12.76 -3.79
C PRO B 159 26.93 13.48 -4.96
N ARG B 160 28.26 13.41 -5.04
CA ARG B 160 29.02 14.14 -6.08
C ARG B 160 28.69 13.54 -7.46
N ALA B 161 28.77 12.22 -7.59
CA ALA B 161 28.52 11.52 -8.86
C ALA B 161 27.07 11.81 -9.30
N VAL B 162 26.13 11.77 -8.37
CA VAL B 162 24.69 12.06 -8.66
C VAL B 162 24.59 13.49 -9.23
N THR B 163 25.19 14.46 -8.57
CA THR B 163 25.12 15.89 -8.96
C THR B 163 25.75 16.07 -10.34
N GLU B 164 26.92 15.51 -10.55
CA GLU B 164 27.69 15.65 -11.81
C GLU B 164 26.89 15.05 -12.97
N SER B 165 26.36 13.84 -12.79
CA SER B 165 25.53 13.16 -13.81
C SER B 165 24.24 13.98 -14.05
N LEU B 166 23.63 14.51 -12.99
CA LEU B 166 22.39 15.30 -13.15
C LEU B 166 22.70 16.55 -13.99
N GLN B 167 23.81 17.23 -13.72
CA GLN B 167 24.26 18.43 -14.48
C GLN B 167 24.42 18.06 -15.96
N LYS B 168 25.14 16.98 -16.27
CA LYS B 168 25.40 16.58 -17.68
C LYS B 168 24.07 16.36 -18.42
N LEU B 169 23.07 15.79 -17.74
CA LEU B 169 21.79 15.36 -18.36
C LEU B 169 20.82 16.54 -18.48
N THR B 170 20.79 17.46 -17.52
CA THR B 170 19.77 18.53 -17.48
C THR B 170 20.31 19.83 -18.12
N LEU B 171 21.62 20.08 -18.08
CA LEU B 171 22.21 21.39 -18.47
C LEU B 171 23.34 21.20 -19.47
N GLY B 172 24.07 20.09 -19.42
CA GLY B 172 25.16 19.81 -20.37
C GLY B 172 24.61 19.22 -21.64
N SER B 173 25.44 18.46 -22.34
CA SER B 173 25.21 18.00 -23.72
C SER B 173 25.01 16.48 -23.80
N ALA B 174 24.85 15.77 -22.69
CA ALA B 174 24.64 14.31 -22.69
C ALA B 174 23.34 13.97 -23.41
N LEU B 175 22.31 14.83 -23.35
CA LEU B 175 21.04 14.64 -24.08
C LEU B 175 20.93 15.74 -25.17
N ALA B 176 20.32 15.40 -26.30
CA ALA B 176 19.90 16.38 -27.33
C ALA B 176 18.80 17.28 -26.75
N ALA B 177 18.61 18.44 -27.35
CA ALA B 177 17.83 19.57 -26.77
C ALA B 177 16.40 19.15 -26.44
N PRO B 178 15.66 18.42 -27.31
CA PRO B 178 14.30 18.03 -26.96
C PRO B 178 14.26 17.05 -25.79
N GLN B 179 15.16 16.07 -25.80
CA GLN B 179 15.27 15.04 -24.72
C GLN B 179 15.64 15.75 -23.42
N ARG B 180 16.58 16.69 -23.46
CA ARG B 180 17.00 17.44 -22.26
C ARG B 180 15.78 18.16 -21.66
N GLN B 181 14.99 18.87 -22.47
CA GLN B 181 13.85 19.64 -21.92
C GLN B 181 12.80 18.67 -21.37
N GLN B 182 12.66 17.48 -21.97
CA GLN B 182 11.66 16.49 -21.51
C GLN B 182 12.07 15.98 -20.12
N PHE B 183 13.36 15.70 -19.94
CA PHE B 183 13.93 15.27 -18.63
C PHE B 183 13.67 16.35 -17.59
N VAL B 184 14.03 17.58 -17.92
CA VAL B 184 13.74 18.77 -17.07
C VAL B 184 12.25 18.82 -16.73
N ASP B 185 11.35 18.66 -17.72
CA ASP B 185 9.89 18.84 -17.47
C ASP B 185 9.39 17.71 -16.57
N TRP B 186 9.89 16.49 -16.76
CA TRP B 186 9.53 15.33 -15.91
C TRP B 186 9.95 15.63 -14.47
N LEU B 187 11.17 16.10 -14.25
CA LEU B 187 11.70 16.41 -12.88
C LEU B 187 10.89 17.57 -12.27
N LYS B 188 10.46 18.57 -13.05
CA LYS B 188 9.71 19.75 -12.55
C LYS B 188 8.32 19.31 -12.10
N GLY B 189 7.73 18.33 -12.77
CA GLY B 189 6.41 17.78 -12.43
C GLY B 189 6.48 16.69 -11.37
N ASN B 190 7.63 16.44 -10.75
CA ASN B 190 7.70 15.45 -9.65
C ASN B 190 6.68 15.84 -8.57
N THR B 191 5.95 14.87 -8.01
CA THR B 191 4.91 15.12 -6.98
C THR B 191 5.40 14.73 -5.58
N THR B 192 6.56 14.06 -5.42
CA THR B 192 6.95 13.43 -4.13
C THR B 192 7.95 14.30 -3.36
N GLY B 193 8.48 15.39 -3.92
CA GLY B 193 9.57 16.14 -3.25
C GLY B 193 9.26 17.51 -2.66
N ASN B 194 8.03 17.75 -2.22
CA ASN B 194 7.62 19.09 -1.73
C ASN B 194 8.25 19.44 -0.38
N HIS B 195 8.59 18.44 0.43
CA HIS B 195 9.10 18.69 1.80
C HIS B 195 10.62 18.57 1.83
N ARG B 196 11.26 18.53 0.66
CA ARG B 196 12.72 18.31 0.61
C ARG B 196 13.40 19.55 0.01
N ILE B 197 14.17 19.40 -1.06
CA ILE B 197 14.96 20.55 -1.62
C ILE B 197 13.99 21.68 -2.03
N ARG B 198 12.77 21.34 -2.45
CA ARG B 198 11.76 22.35 -2.83
C ARG B 198 11.41 23.24 -1.62
N ALA B 199 11.57 22.73 -0.40
CA ALA B 199 11.24 23.47 0.84
C ALA B 199 12.40 24.37 1.30
N ALA B 200 13.57 24.28 0.67
CA ALA B 200 14.73 25.11 1.01
C ALA B 200 14.91 26.19 -0.05
N VAL B 201 13.92 26.36 -0.90
CA VAL B 201 14.04 27.24 -2.09
C VAL B 201 12.84 28.18 -2.14
N PRO B 202 13.04 29.49 -2.44
CA PRO B 202 11.91 30.40 -2.65
C PRO B 202 10.92 29.84 -3.69
N ALA B 203 9.64 30.10 -3.49
CA ALA B 203 8.51 29.62 -4.33
C ALA B 203 8.66 30.04 -5.80
N ASP B 204 9.31 31.16 -6.10
CA ASP B 204 9.42 31.68 -7.50
C ASP B 204 10.64 31.08 -8.22
N TRP B 205 11.43 30.21 -7.58
CA TRP B 205 12.57 29.52 -8.23
C TRP B 205 12.07 28.20 -8.82
N ALA B 206 12.32 27.96 -10.09
CA ALA B 206 11.95 26.68 -10.74
C ALA B 206 12.86 25.60 -10.15
N VAL B 207 12.29 24.43 -9.89
CA VAL B 207 12.95 23.24 -9.31
C VAL B 207 12.45 22.01 -10.05
N GLY B 208 13.37 21.13 -10.44
CA GLY B 208 13.07 19.74 -10.82
C GLY B 208 13.86 18.81 -9.91
N ASP B 209 13.22 17.73 -9.45
CA ASP B 209 13.84 16.87 -8.41
C ASP B 209 13.40 15.43 -8.60
N LYS B 210 14.18 14.50 -8.05
CA LYS B 210 13.76 13.09 -7.83
C LYS B 210 14.17 12.69 -6.41
N THR B 211 13.20 12.11 -5.69
CA THR B 211 13.30 11.67 -4.30
C THR B 211 13.66 10.18 -4.25
N GLY B 212 14.21 9.77 -3.11
CA GLY B 212 14.36 8.37 -2.71
C GLY B 212 14.03 8.20 -1.24
N THR B 213 13.28 7.16 -0.91
CA THR B 213 12.91 6.78 0.46
C THR B 213 12.97 5.26 0.56
N CYS B 214 14.07 4.72 1.10
CA CYS B 214 14.29 3.25 1.21
C CYS B 214 13.28 2.64 2.20
N GLY B 215 12.87 3.40 3.22
CA GLY B 215 11.91 2.93 4.24
C GLY B 215 12.59 2.21 5.40
N VAL B 216 13.93 2.11 5.39
CA VAL B 216 14.75 1.46 6.45
C VAL B 216 16.05 2.26 6.63
N TYR B 217 16.68 2.13 7.78
CA TYR B 217 18.03 2.67 8.03
C TYR B 217 18.06 4.19 7.83
N GLY B 218 16.97 4.89 8.19
CA GLY B 218 16.83 6.35 8.04
C GLY B 218 17.37 6.82 6.70
N THR B 219 17.14 6.05 5.64
CA THR B 219 17.81 6.24 4.33
C THR B 219 16.80 6.88 3.38
N ALA B 220 17.09 8.13 3.00
CA ALA B 220 16.27 8.93 2.05
C ALA B 220 17.14 10.02 1.46
N ASN B 221 16.67 10.59 0.34
CA ASN B 221 17.48 11.49 -0.49
C ASN B 221 16.60 12.32 -1.42
N ASP B 222 17.22 13.30 -2.06
CA ASP B 222 16.60 14.16 -3.08
C ASP B 222 17.75 14.72 -3.90
N TYR B 223 17.59 14.79 -5.21
CA TYR B 223 18.48 15.60 -6.05
C TYR B 223 17.60 16.54 -6.89
N ALA B 224 18.17 17.67 -7.30
CA ALA B 224 17.41 18.75 -7.93
C ALA B 224 18.33 19.60 -8.79
N VAL B 225 17.75 20.15 -9.84
CA VAL B 225 18.23 21.37 -10.51
C VAL B 225 17.30 22.48 -10.04
N VAL B 226 17.92 23.60 -9.68
CA VAL B 226 17.26 24.82 -9.17
C VAL B 226 17.65 25.97 -10.10
N TRP B 227 16.66 26.72 -10.58
CA TRP B 227 16.88 27.96 -11.39
C TRP B 227 16.54 29.16 -10.53
N PRO B 228 17.50 29.79 -9.83
CA PRO B 228 17.21 31.03 -9.11
C PRO B 228 16.87 32.12 -10.12
N THR B 229 15.91 32.99 -9.81
CA THR B 229 15.45 34.06 -10.73
C THR B 229 16.67 34.86 -11.18
N GLY B 230 16.89 34.94 -12.49
CA GLY B 230 17.94 35.76 -13.13
C GLY B 230 19.35 35.25 -12.87
N ARG B 231 19.55 34.02 -12.39
CA ARG B 231 20.93 33.51 -12.10
C ARG B 231 21.11 32.15 -12.78
N ALA B 232 22.37 31.74 -12.98
CA ALA B 232 22.71 30.40 -13.52
C ALA B 232 22.15 29.34 -12.57
N PRO B 233 21.68 28.20 -13.11
CA PRO B 233 21.14 27.14 -12.27
C PRO B 233 22.17 26.52 -11.31
N ILE B 234 21.62 25.92 -10.27
CA ILE B 234 22.36 25.18 -9.20
C ILE B 234 21.91 23.72 -9.28
N VAL B 235 22.85 22.79 -9.18
CA VAL B 235 22.58 21.33 -9.17
C VAL B 235 23.06 20.81 -7.81
N LEU B 236 22.24 20.02 -7.13
CA LEU B 236 22.63 19.51 -5.79
C LEU B 236 21.93 18.17 -5.51
N ALA B 237 22.58 17.39 -4.65
CA ALA B 237 22.12 16.08 -4.17
C ALA B 237 22.26 16.09 -2.64
N VAL B 238 21.24 15.58 -1.95
CA VAL B 238 21.26 15.38 -0.49
C VAL B 238 20.86 13.92 -0.23
N TYR B 239 21.76 13.14 0.38
CA TYR B 239 21.56 11.72 0.74
C TYR B 239 21.73 11.56 2.25
N THR B 240 20.86 10.77 2.87
CA THR B 240 20.94 10.41 4.31
C THR B 240 20.97 8.89 4.46
N ARG B 241 21.61 8.43 5.54
CA ARG B 241 21.48 7.05 6.03
C ARG B 241 21.69 7.07 7.56
N ALA B 242 21.30 6.01 8.24
CA ALA B 242 21.44 5.86 9.70
C ALA B 242 21.80 4.41 10.01
N PRO B 243 22.44 4.15 11.18
CA PRO B 243 23.00 2.83 11.45
C PRO B 243 22.01 1.72 11.82
N ASN B 244 20.79 2.03 12.26
CA ASN B 244 19.81 1.01 12.73
C ASN B 244 18.65 0.89 11.74
N LYS B 245 18.20 -0.34 11.51
CA LYS B 245 17.15 -0.67 10.54
C LYS B 245 15.89 0.16 10.80
N ASP B 246 15.52 0.47 12.04
CA ASP B 246 14.22 1.14 12.34
C ASP B 246 14.44 2.65 12.56
N ASP B 247 15.65 3.18 12.35
CA ASP B 247 15.85 4.65 12.38
C ASP B 247 14.95 5.30 11.32
N LYS B 248 14.25 6.39 11.69
CA LYS B 248 13.31 7.09 10.78
C LYS B 248 14.14 8.05 9.91
N HIS B 249 13.86 8.10 8.61
CA HIS B 249 14.34 9.17 7.71
C HIS B 249 13.65 10.48 8.13
N SER B 250 14.21 11.61 7.73
CA SER B 250 13.64 12.96 8.00
C SER B 250 13.66 13.80 6.71
N GLU B 251 12.49 14.22 6.24
CA GLU B 251 12.38 15.19 5.12
C GLU B 251 12.93 16.54 5.59
N ALA B 252 12.64 16.96 6.84
CA ALA B 252 13.10 18.24 7.41
C ALA B 252 14.63 18.31 7.38
N VAL B 253 15.30 17.22 7.70
CA VAL B 253 16.79 17.15 7.70
C VAL B 253 17.28 17.36 6.25
N ILE B 254 16.61 16.74 5.26
CA ILE B 254 17.03 16.87 3.83
C ILE B 254 16.87 18.34 3.43
N ALA B 255 15.73 18.96 3.77
CA ALA B 255 15.47 20.40 3.50
C ALA B 255 16.55 21.24 4.17
N ALA B 256 16.88 20.97 5.42
CA ALA B 256 17.82 21.81 6.21
C ALA B 256 19.22 21.69 5.57
N ALA B 257 19.58 20.49 5.12
CA ALA B 257 20.88 20.25 4.46
C ALA B 257 20.91 20.98 3.12
N ALA B 258 19.81 21.00 2.38
CA ALA B 258 19.69 21.75 1.09
C ALA B 258 19.87 23.25 1.37
N ARG B 259 19.22 23.79 2.41
CA ARG B 259 19.40 25.22 2.83
C ARG B 259 20.89 25.47 3.09
N LEU B 260 21.58 24.61 3.85
CA LEU B 260 23.02 24.82 4.17
C LEU B 260 23.83 24.78 2.88
N ALA B 261 23.52 23.86 1.96
CA ALA B 261 24.28 23.68 0.71
C ALA B 261 24.18 24.98 -0.10
N LEU B 262 22.97 25.53 -0.20
CA LEU B 262 22.71 26.76 -0.99
C LEU B 262 23.39 27.96 -0.29
N GLU B 263 23.27 28.07 1.03
CA GLU B 263 23.95 29.14 1.80
C GLU B 263 25.46 29.03 1.59
N GLY B 264 26.00 27.81 1.55
CA GLY B 264 27.42 27.52 1.33
C GLY B 264 27.92 28.03 0.00
N LEU B 265 27.04 28.19 -0.98
CA LEU B 265 27.39 28.67 -2.34
C LEU B 265 27.29 30.20 -2.42
N GLY B 266 27.00 30.88 -1.31
CA GLY B 266 26.90 32.35 -1.26
C GLY B 266 28.16 33.03 -1.80
N ASP C 1 -35.08 -38.68 -13.32
CA ASP C 1 -35.63 -37.35 -12.87
C ASP C 1 -35.04 -36.27 -13.77
N LEU C 2 -35.50 -35.02 -13.65
CA LEU C 2 -34.96 -33.82 -14.38
C LEU C 2 -33.48 -33.58 -14.03
N THR C 3 -33.10 -33.91 -12.79
CA THR C 3 -31.73 -33.76 -12.25
C THR C 3 -30.75 -34.66 -13.00
N ASN C 4 -31.25 -35.73 -13.64
CA ASN C 4 -30.43 -36.71 -14.40
C ASN C 4 -30.45 -36.38 -15.88
N LEU C 5 -30.95 -35.21 -16.30
CA LEU C 5 -31.08 -34.89 -17.75
C LEU C 5 -30.36 -33.58 -18.08
N VAL C 6 -29.33 -33.27 -17.31
CA VAL C 6 -28.51 -32.04 -17.48
C VAL C 6 -27.09 -32.40 -17.97
N ALA C 7 -26.67 -33.67 -17.87
CA ALA C 7 -25.32 -34.15 -18.23
C ALA C 7 -25.03 -33.81 -19.70
N GLU C 8 -25.93 -34.15 -20.62
CA GLU C 8 -25.70 -33.91 -22.07
C GLU C 8 -25.57 -32.39 -22.33
N PRO C 9 -26.53 -31.54 -21.90
CA PRO C 9 -26.39 -30.09 -22.09
C PRO C 9 -25.10 -29.49 -21.46
N PHE C 10 -24.68 -30.01 -20.30
CA PHE C 10 -23.42 -29.55 -19.62
C PHE C 10 -22.20 -29.96 -20.47
N ALA C 11 -22.18 -31.19 -20.98
CA ALA C 11 -21.13 -31.70 -21.88
C ALA C 11 -21.03 -30.77 -23.10
N LYS C 12 -22.16 -30.43 -23.71
CA LYS C 12 -22.17 -29.55 -24.91
C LYS C 12 -21.56 -28.20 -24.50
N LEU C 13 -21.96 -27.67 -23.35
CA LEU C 13 -21.49 -26.35 -22.87
C LEU C 13 -19.97 -26.40 -22.64
N GLU C 14 -19.44 -27.44 -21.98
CA GLU C 14 -18.00 -27.45 -21.64
C GLU C 14 -17.18 -27.70 -22.92
N GLN C 15 -17.74 -28.38 -23.90
CA GLN C 15 -17.08 -28.60 -25.21
C GLN C 15 -17.02 -27.29 -26.00
N ASP C 16 -18.08 -26.49 -26.01
CA ASP C 16 -18.08 -25.16 -26.69
C ASP C 16 -17.09 -24.24 -25.97
N PHE C 17 -17.02 -24.33 -24.64
CA PHE C 17 -16.13 -23.51 -23.77
C PHE C 17 -14.66 -23.88 -24.05
N GLY C 18 -14.38 -25.17 -24.26
CA GLY C 18 -13.03 -25.72 -24.46
C GLY C 18 -12.40 -26.17 -23.15
N GLY C 19 -13.18 -26.65 -22.19
CA GLY C 19 -12.64 -27.05 -20.88
C GLY C 19 -13.63 -27.84 -20.06
N SER C 20 -13.52 -27.74 -18.74
CA SER C 20 -14.33 -28.51 -17.76
C SER C 20 -15.18 -27.54 -16.94
N ILE C 21 -16.44 -27.93 -16.71
CA ILE C 21 -17.40 -27.14 -15.90
C ILE C 21 -17.88 -28.03 -14.77
N GLY C 22 -17.87 -27.50 -13.56
CA GLY C 22 -18.31 -28.21 -12.35
C GLY C 22 -19.46 -27.46 -11.73
N VAL C 23 -20.55 -28.18 -11.45
CA VAL C 23 -21.79 -27.59 -10.92
C VAL C 23 -22.34 -28.45 -9.80
N TYR C 24 -22.78 -27.81 -8.73
CA TYR C 24 -23.68 -28.43 -7.74
C TYR C 24 -24.72 -27.41 -7.35
N ALA C 25 -25.99 -27.82 -7.42
CA ALA C 25 -27.15 -26.98 -7.06
C ALA C 25 -28.08 -27.79 -6.17
N MET C 26 -28.56 -27.13 -5.14
CA MET C 26 -29.34 -27.73 -4.05
CA MET C 26 -29.35 -27.75 -4.05
C MET C 26 -30.62 -26.91 -3.89
N ASP C 27 -31.77 -27.52 -4.12
CA ASP C 27 -33.09 -26.91 -3.80
C ASP C 27 -33.36 -27.26 -2.34
N THR C 28 -33.29 -26.27 -1.43
CA THR C 28 -33.46 -26.51 0.03
C THR C 28 -34.93 -26.85 0.33
N GLY C 29 -35.85 -26.57 -0.60
CA GLY C 29 -37.28 -26.98 -0.51
C GLY C 29 -37.43 -28.48 -0.61
N SER C 30 -37.12 -29.07 -1.77
CA SER C 30 -37.28 -30.51 -2.07
C SER C 30 -36.10 -31.35 -1.55
N GLY C 31 -34.93 -30.77 -1.33
CA GLY C 31 -33.69 -31.53 -1.06
C GLY C 31 -33.03 -32.04 -2.35
N ALA C 32 -33.62 -31.75 -3.52
CA ALA C 32 -33.12 -32.23 -4.84
C ALA C 32 -31.79 -31.54 -5.16
N THR C 33 -30.91 -32.23 -5.87
CA THR C 33 -29.62 -31.68 -6.29
C THR C 33 -29.41 -31.95 -7.77
N VAL C 34 -28.68 -31.03 -8.40
CA VAL C 34 -28.07 -31.19 -9.75
C VAL C 34 -26.56 -31.23 -9.54
N SER C 35 -25.92 -32.23 -10.14
CA SER C 35 -24.50 -32.61 -10.01
C SER C 35 -23.91 -32.75 -11.41
N TYR C 36 -22.81 -32.06 -11.69
CA TYR C 36 -21.99 -32.33 -12.88
C TYR C 36 -20.53 -32.05 -12.53
N ARG C 37 -19.68 -33.08 -12.55
CA ARG C 37 -18.27 -33.03 -12.08
C ARG C 37 -18.22 -32.41 -10.69
N ALA C 38 -19.23 -32.68 -9.85
CA ALA C 38 -19.48 -31.89 -8.62
C ALA C 38 -18.43 -32.27 -7.57
N GLU C 39 -17.76 -33.41 -7.75
CA GLU C 39 -16.76 -33.91 -6.79
C GLU C 39 -15.34 -33.73 -7.32
N GLU C 40 -15.17 -33.18 -8.52
CA GLU C 40 -13.82 -32.82 -9.04
C GLU C 40 -13.32 -31.57 -8.32
N ARG C 41 -12.01 -31.44 -8.20
CA ARG C 41 -11.35 -30.23 -7.65
C ARG C 41 -11.24 -29.19 -8.75
N PHE C 42 -11.56 -27.94 -8.40
CA PHE C 42 -11.36 -26.74 -9.22
C PHE C 42 -10.67 -25.70 -8.35
N PRO C 43 -9.78 -24.86 -8.91
CA PRO C 43 -9.21 -23.75 -8.15
C PRO C 43 -10.30 -22.82 -7.62
N LEU C 44 -10.13 -22.40 -6.37
CA LEU C 44 -11.03 -21.47 -5.65
C LEU C 44 -10.91 -20.08 -6.28
N CYS C 45 -9.68 -19.69 -6.65
CA CYS C 45 -9.38 -18.29 -7.03
C CYS C 45 -9.87 -17.42 -5.85
N SER C 46 -10.46 -16.26 -6.12
CA SER C 46 -10.93 -15.29 -5.10
C SER C 46 -12.12 -15.84 -4.32
N SER C 47 -12.72 -16.95 -4.75
CA SER C 47 -14.00 -17.44 -4.17
C SER C 47 -13.81 -17.81 -2.70
N PHE C 48 -12.57 -18.08 -2.27
CA PHE C 48 -12.26 -18.42 -0.86
C PHE C 48 -12.60 -17.24 0.05
N LYS C 49 -12.64 -16.01 -0.48
CA LYS C 49 -12.83 -14.78 0.34
C LYS C 49 -14.20 -14.79 1.02
N GLY C 50 -15.23 -15.38 0.40
CA GLY C 50 -16.55 -15.56 1.03
C GLY C 50 -16.40 -16.36 2.32
N PHE C 51 -15.70 -17.49 2.25
CA PHE C 51 -15.49 -18.40 3.40
C PHE C 51 -14.58 -17.71 4.42
N LEU C 52 -13.64 -16.89 3.95
CA LEU C 52 -12.78 -16.08 4.84
C LEU C 52 -13.66 -15.18 5.72
N ALA C 53 -14.59 -14.45 5.10
CA ALA C 53 -15.53 -13.54 5.80
C ALA C 53 -16.40 -14.36 6.76
N ALA C 54 -16.84 -15.55 6.37
CA ALA C 54 -17.65 -16.43 7.25
C ALA C 54 -16.82 -16.78 8.49
N ALA C 55 -15.53 -17.06 8.33
CA ALA C 55 -14.62 -17.46 9.44
C ALA C 55 -14.44 -16.25 10.40
N VAL C 56 -14.29 -15.05 9.88
CA VAL C 56 -14.28 -13.81 10.70
C VAL C 56 -15.57 -13.75 11.55
N LEU C 57 -16.72 -13.94 10.91
CA LEU C 57 -18.03 -13.86 11.62
C LEU C 57 -18.13 -14.95 12.68
N ALA C 58 -17.68 -16.19 12.37
CA ALA C 58 -17.66 -17.31 13.35
C ALA C 58 -16.85 -16.89 14.59
N ARG C 59 -15.68 -16.28 14.39
CA ARG C 59 -14.82 -15.86 15.52
C ARG C 59 -15.52 -14.73 16.30
N SER C 60 -16.24 -13.83 15.61
CA SER C 60 -16.95 -12.68 16.23
C SER C 60 -18.03 -13.15 17.23
N GLN C 61 -18.52 -14.38 17.09
CA GLN C 61 -19.54 -14.98 18.00
C GLN C 61 -19.03 -15.07 19.43
N GLN C 62 -17.75 -15.37 19.61
CA GLN C 62 -17.09 -15.54 20.94
C GLN C 62 -16.18 -14.36 21.24
N GLN C 63 -16.10 -13.33 20.39
CA GLN C 63 -15.18 -12.19 20.56
C GLN C 63 -15.87 -10.89 20.20
N ALA C 64 -16.53 -10.26 21.17
CA ALA C 64 -17.20 -8.95 20.99
C ALA C 64 -16.16 -7.93 20.53
N GLY C 65 -16.49 -7.10 19.54
CA GLY C 65 -15.63 -6.00 19.07
C GLY C 65 -14.64 -6.42 17.99
N LEU C 66 -14.60 -7.68 17.57
CA LEU C 66 -13.74 -8.12 16.43
C LEU C 66 -14.03 -7.26 15.20
N LEU C 67 -15.31 -7.13 14.82
CA LEU C 67 -15.66 -6.48 13.55
C LEU C 67 -15.21 -5.01 13.59
N ASP C 68 -15.24 -4.36 14.75
CA ASP C 68 -14.92 -2.91 14.86
C ASP C 68 -13.42 -2.71 15.12
N THR C 69 -12.64 -3.80 15.27
CA THR C 69 -11.18 -3.71 15.51
C THR C 69 -10.51 -3.01 14.33
N PRO C 70 -9.83 -1.86 14.55
CA PRO C 70 -9.09 -1.18 13.49
C PRO C 70 -7.80 -1.95 13.14
N ILE C 71 -7.50 -2.07 11.85
CA ILE C 71 -6.25 -2.69 11.33
C ILE C 71 -5.47 -1.58 10.61
N ARG C 72 -4.25 -1.31 11.07
CA ARG C 72 -3.30 -0.38 10.38
C ARG C 72 -2.39 -1.23 9.48
N TYR C 73 -2.24 -0.84 8.23
CA TYR C 73 -1.39 -1.55 7.24
C TYR C 73 -0.60 -0.50 6.48
N GLY C 74 0.59 -0.86 5.99
CA GLY C 74 1.44 0.01 5.16
C GLY C 74 1.27 -0.33 3.69
N LYS C 75 1.94 0.43 2.82
CA LYS C 75 1.84 0.26 1.34
C LYS C 75 2.36 -1.13 0.98
N ASN C 76 3.25 -1.74 1.78
CA ASN C 76 3.82 -3.09 1.52
C ASN C 76 2.70 -4.14 1.46
N ALA C 77 1.56 -3.92 2.13
CA ALA C 77 0.44 -4.87 2.21
C ALA C 77 -0.39 -4.80 0.92
N LEU C 78 -0.31 -3.69 0.18
CA LEU C 78 -1.12 -3.51 -1.05
C LEU C 78 -0.55 -4.39 -2.16
N VAL C 79 -1.36 -5.29 -2.68
CA VAL C 79 -1.00 -6.17 -3.83
C VAL C 79 -2.02 -5.84 -4.90
N PRO C 80 -1.79 -6.26 -6.16
CA PRO C 80 -2.71 -5.91 -7.24
C PRO C 80 -4.16 -6.30 -6.90
N TRP C 81 -5.11 -5.52 -7.43
CA TRP C 81 -6.57 -5.61 -7.18
C TRP C 81 -6.85 -5.50 -5.67
N SER C 82 -6.59 -4.31 -5.13
CA SER C 82 -6.90 -3.89 -3.75
C SER C 82 -7.61 -2.53 -3.83
N PRO C 83 -8.74 -2.44 -4.56
CA PRO C 83 -9.34 -1.14 -4.87
C PRO C 83 -9.82 -0.37 -3.64
N ILE C 84 -10.22 -1.06 -2.57
CA ILE C 84 -10.73 -0.41 -1.33
C ILE C 84 -9.55 -0.16 -0.37
N SER C 85 -8.74 -1.19 -0.07
CA SER C 85 -7.66 -1.09 0.93
C SER C 85 -6.66 0.02 0.53
N GLU C 86 -6.44 0.18 -0.77
CA GLU C 86 -5.58 1.23 -1.37
C GLU C 86 -5.96 2.62 -0.85
N LYS C 87 -7.27 2.89 -0.76
CA LYS C 87 -7.80 4.24 -0.47
C LYS C 87 -7.61 4.60 1.00
N TYR C 88 -7.46 3.62 1.90
CA TYR C 88 -7.56 3.87 3.37
C TYR C 88 -6.21 3.57 4.04
N LEU C 89 -5.14 3.67 3.26
CA LEU C 89 -3.73 3.51 3.73
C LEU C 89 -3.45 4.40 4.94
N THR C 90 -3.92 5.65 4.95
CA THR C 90 -3.61 6.64 6.02
C THR C 90 -4.46 6.36 7.27
N THR C 91 -5.69 5.85 7.11
CA THR C 91 -6.69 5.71 8.22
C THR C 91 -6.81 4.27 8.73
N GLY C 92 -6.33 3.29 7.95
CA GLY C 92 -6.61 1.87 8.20
C GLY C 92 -8.07 1.54 7.96
N MET C 93 -8.46 0.31 8.26
CA MET C 93 -9.84 -0.21 8.06
C MET C 93 -10.16 -1.15 9.22
N THR C 94 -11.43 -1.21 9.60
CA THR C 94 -11.93 -2.20 10.60
C THR C 94 -11.95 -3.59 9.96
N VAL C 95 -11.98 -4.63 10.78
CA VAL C 95 -12.15 -6.04 10.32
C VAL C 95 -13.42 -6.12 9.45
N ALA C 96 -14.51 -5.44 9.84
CA ALA C 96 -15.79 -5.42 9.10
C ALA C 96 -15.59 -4.84 7.69
N GLU C 97 -14.88 -3.71 7.59
CA GLU C 97 -14.68 -3.01 6.29
C GLU C 97 -13.82 -3.90 5.38
N LEU C 98 -12.75 -4.50 5.92
CA LEU C 98 -11.87 -5.44 5.19
C LEU C 98 -12.69 -6.62 4.66
N SER C 99 -13.58 -7.18 5.49
CA SER C 99 -14.42 -8.36 5.17
C SER C 99 -15.34 -7.99 4.01
N ALA C 100 -16.00 -6.84 4.11
CA ALA C 100 -16.91 -6.31 3.06
C ALA C 100 -16.11 -6.05 1.77
N ALA C 101 -14.92 -5.47 1.87
CA ALA C 101 -14.04 -5.23 0.70
C ALA C 101 -13.66 -6.57 0.06
N ALA C 102 -13.29 -7.58 0.86
CA ALA C 102 -12.84 -8.89 0.37
C ALA C 102 -14.01 -9.57 -0.37
N VAL C 103 -15.22 -9.49 0.18
CA VAL C 103 -16.40 -10.21 -0.38
C VAL C 103 -16.89 -9.42 -1.61
N GLN C 104 -17.07 -8.10 -1.49
CA GLN C 104 -17.88 -7.30 -2.46
C GLN C 104 -16.99 -6.74 -3.60
N TYR C 105 -15.68 -6.64 -3.41
CA TYR C 105 -14.72 -6.09 -4.42
C TYR C 105 -13.54 -7.05 -4.62
N SER C 106 -13.53 -8.19 -3.94
CA SER C 106 -12.45 -9.20 -4.05
C SER C 106 -11.09 -8.55 -3.72
N ASP C 107 -11.08 -7.64 -2.76
CA ASP C 107 -9.89 -6.85 -2.38
C ASP C 107 -8.82 -7.81 -1.83
N ASN C 108 -7.67 -7.86 -2.50
CA ASN C 108 -6.58 -8.85 -2.19
C ASN C 108 -5.85 -8.46 -0.92
N ALA C 109 -5.51 -7.19 -0.72
CA ALA C 109 -4.80 -6.74 0.49
C ALA C 109 -5.70 -7.03 1.70
N ALA C 110 -7.00 -6.74 1.57
CA ALA C 110 -8.01 -7.02 2.60
C ALA C 110 -8.01 -8.51 2.94
N ALA C 111 -8.03 -9.38 1.93
CA ALA C 111 -8.06 -10.84 2.10
C ALA C 111 -6.81 -11.28 2.87
N ASN C 112 -5.63 -10.78 2.50
CA ASN C 112 -4.32 -11.19 3.12
C ASN C 112 -4.29 -10.70 4.57
N LEU C 113 -4.77 -9.49 4.85
CA LEU C 113 -4.80 -8.94 6.23
C LEU C 113 -5.74 -9.79 7.08
N LEU C 114 -6.91 -10.17 6.56
CA LEU C 114 -7.88 -11.01 7.29
C LEU C 114 -7.29 -12.40 7.49
N LEU C 115 -6.62 -12.94 6.47
CA LEU C 115 -5.95 -14.26 6.60
C LEU C 115 -4.95 -14.16 7.77
N LYS C 116 -4.17 -13.09 7.85
CA LYS C 116 -3.17 -12.90 8.92
C LYS C 116 -3.90 -12.96 10.28
N GLU C 117 -5.01 -12.22 10.43
CA GLU C 117 -5.85 -12.21 11.67
C GLU C 117 -6.25 -13.63 12.08
N LEU C 118 -6.54 -14.51 11.12
CA LEU C 118 -7.16 -15.83 11.43
C LEU C 118 -6.10 -16.94 11.43
N GLY C 119 -4.83 -16.63 11.22
CA GLY C 119 -3.75 -17.63 11.24
C GLY C 119 -3.54 -18.28 9.87
N GLY C 120 -3.77 -17.53 8.78
CA GLY C 120 -3.32 -17.89 7.42
C GLY C 120 -4.16 -18.99 6.78
N PRO C 121 -3.74 -19.49 5.60
CA PRO C 121 -4.47 -20.55 4.90
C PRO C 121 -4.84 -21.76 5.77
N ALA C 122 -3.94 -22.16 6.67
CA ALA C 122 -4.17 -23.25 7.64
C ALA C 122 -5.37 -22.93 8.55
N GLY C 123 -5.44 -21.70 9.05
CA GLY C 123 -6.54 -21.22 9.91
C GLY C 123 -7.87 -21.26 9.19
N LEU C 124 -7.94 -20.79 7.94
CA LEU C 124 -9.20 -20.81 7.17
C LEU C 124 -9.59 -22.27 6.90
N THR C 125 -8.61 -23.11 6.56
CA THR C 125 -8.84 -24.54 6.25
C THR C 125 -9.43 -25.20 7.51
N ALA C 126 -8.86 -24.90 8.68
CA ALA C 126 -9.32 -25.45 9.99
C ALA C 126 -10.77 -25.03 10.22
N PHE C 127 -11.13 -23.76 9.96
CA PHE C 127 -12.52 -23.31 10.12
C PHE C 127 -13.44 -24.17 9.24
N MET C 128 -13.03 -24.40 7.98
CA MET C 128 -13.86 -25.18 7.03
C MET C 128 -13.98 -26.63 7.52
N ARG C 129 -12.93 -27.22 8.08
CA ARG C 129 -13.00 -28.58 8.67
C ARG C 129 -14.03 -28.56 9.81
N SER C 130 -14.07 -27.47 10.59
CA SER C 130 -14.89 -27.36 11.81
C SER C 130 -16.38 -27.36 11.44
N ILE C 131 -16.76 -26.99 10.20
CA ILE C 131 -18.19 -27.06 9.76
C ILE C 131 -18.43 -28.32 8.92
N GLY C 132 -17.45 -29.23 8.84
CA GLY C 132 -17.58 -30.56 8.21
C GLY C 132 -17.18 -30.57 6.73
N ASP C 133 -16.46 -29.56 6.25
CA ASP C 133 -15.92 -29.52 4.87
C ASP C 133 -14.52 -30.14 4.89
N THR C 134 -14.39 -31.35 4.35
CA THR C 134 -13.13 -32.14 4.35
C THR C 134 -12.42 -32.01 2.99
N THR C 135 -13.02 -31.27 2.05
CA THR C 135 -12.53 -31.10 0.66
C THR C 135 -11.76 -29.78 0.52
N PHE C 136 -12.30 -28.69 1.07
CA PHE C 136 -11.72 -27.32 0.92
C PHE C 136 -10.26 -27.38 1.38
N ARG C 137 -9.36 -26.79 0.61
CA ARG C 137 -7.98 -26.53 1.10
C ARG C 137 -7.51 -25.21 0.56
N LEU C 138 -7.08 -24.33 1.46
CA LEU C 138 -6.29 -23.13 1.10
C LEU C 138 -4.87 -23.37 1.59
N ASP C 139 -3.91 -23.14 0.70
CA ASP C 139 -2.49 -23.51 0.86
C ASP C 139 -1.63 -22.24 0.75
N ARG C 140 -2.09 -21.22 0.01
CA ARG C 140 -1.29 -20.02 -0.31
C ARG C 140 -2.11 -18.77 -0.06
N TRP C 141 -1.47 -17.61 -0.22
CA TRP C 141 -2.01 -16.25 -0.02
C TRP C 141 -2.32 -15.65 -1.39
N GLU C 142 -2.98 -14.49 -1.42
CA GLU C 142 -3.14 -13.67 -2.64
C GLU C 142 -1.77 -13.08 -2.96
N LEU C 143 -1.31 -13.16 -4.22
CA LEU C 143 -2.03 -13.68 -5.37
C LEU C 143 -1.55 -15.06 -5.81
N GLU C 144 -0.61 -15.69 -5.11
CA GLU C 144 0.00 -16.99 -5.54
C GLU C 144 -1.06 -18.09 -5.65
N LEU C 145 -2.16 -18.02 -4.88
CA LEU C 145 -3.20 -19.08 -4.84
C LEU C 145 -3.95 -19.17 -6.17
N ASN C 146 -3.70 -18.24 -7.11
CA ASN C 146 -4.43 -18.13 -8.41
C ASN C 146 -3.70 -18.83 -9.57
N SER C 147 -2.61 -19.56 -9.33
CA SER C 147 -1.78 -20.19 -10.40
C SER C 147 -2.64 -21.16 -11.24
N ALA C 148 -3.57 -21.89 -10.62
CA ALA C 148 -4.62 -22.70 -11.29
C ALA C 148 -3.99 -23.72 -12.26
N ILE C 149 -2.86 -24.30 -11.87
CA ILE C 149 -2.09 -25.26 -12.71
C ILE C 149 -2.89 -26.56 -12.78
N PRO C 150 -3.16 -27.09 -13.99
CA PRO C 150 -3.85 -28.38 -14.13
C PRO C 150 -3.21 -29.46 -13.25
N GLY C 151 -4.03 -30.22 -12.51
CA GLY C 151 -3.59 -31.35 -11.67
C GLY C 151 -3.09 -30.91 -10.30
N ASP C 152 -2.87 -29.61 -10.08
CA ASP C 152 -2.44 -29.05 -8.78
C ASP C 152 -3.66 -28.93 -7.84
N ALA C 153 -3.69 -29.69 -6.75
CA ALA C 153 -4.78 -29.71 -5.75
C ALA C 153 -4.67 -28.52 -4.77
N ARG C 154 -3.58 -27.76 -4.78
CA ARG C 154 -3.44 -26.58 -3.88
C ARG C 154 -4.57 -25.58 -4.15
N ASP C 155 -5.19 -25.04 -3.11
CA ASP C 155 -6.14 -23.90 -3.22
C ASP C 155 -7.33 -24.33 -4.10
N THR C 156 -7.90 -25.50 -3.81
CA THR C 156 -9.05 -26.06 -4.55
C THR C 156 -10.15 -26.50 -3.58
N SER C 157 -11.35 -26.64 -4.12
CA SER C 157 -12.44 -27.42 -3.51
C SER C 157 -13.26 -28.04 -4.63
N SER C 158 -14.38 -28.67 -4.30
CA SER C 158 -15.33 -29.25 -5.26
C SER C 158 -16.56 -28.36 -5.28
N PRO C 159 -17.28 -28.25 -6.42
CA PRO C 159 -18.54 -27.53 -6.46
C PRO C 159 -19.49 -27.99 -5.34
N ARG C 160 -19.50 -29.28 -5.03
CA ARG C 160 -20.42 -29.84 -4.03
C ARG C 160 -20.02 -29.32 -2.63
N ALA C 161 -18.75 -29.41 -2.26
CA ALA C 161 -18.24 -28.98 -0.94
C ALA C 161 -18.50 -27.47 -0.78
N VAL C 162 -18.27 -26.70 -1.83
CA VAL C 162 -18.53 -25.22 -1.82
C VAL C 162 -20.02 -25.00 -1.53
N THR C 163 -20.91 -25.67 -2.24
CA THR C 163 -22.37 -25.49 -2.10
C THR C 163 -22.79 -25.88 -0.69
N GLU C 164 -22.34 -27.03 -0.22
CA GLU C 164 -22.71 -27.58 1.11
C GLU C 164 -22.24 -26.63 2.21
N SER C 165 -21.00 -26.16 2.14
CA SER C 165 -20.44 -25.19 3.13
C SER C 165 -21.22 -23.88 3.04
N LEU C 166 -21.55 -23.42 1.84
CA LEU C 166 -22.29 -22.15 1.66
C LEU C 166 -23.68 -22.29 2.31
N GLN C 167 -24.35 -23.43 2.12
CA GLN C 167 -25.67 -23.72 2.73
C GLN C 167 -25.54 -23.65 4.26
N LYS C 168 -24.56 -24.34 4.84
CA LYS C 168 -24.39 -24.40 6.32
C LYS C 168 -24.23 -22.98 6.87
N LEU C 169 -23.53 -22.11 6.15
CA LEU C 169 -23.13 -20.77 6.63
C LEU C 169 -24.25 -19.75 6.42
N THR C 170 -25.01 -19.85 5.33
CA THR C 170 -26.04 -18.84 4.96
C THR C 170 -27.43 -19.25 5.46
N LEU C 171 -27.71 -20.54 5.59
CA LEU C 171 -29.10 -21.05 5.85
C LEU C 171 -29.13 -22.00 7.04
N GLY C 172 -28.07 -22.77 7.27
CA GLY C 172 -28.00 -23.72 8.38
C GLY C 172 -27.60 -23.02 9.66
N SER C 173 -26.97 -23.76 10.57
CA SER C 173 -26.72 -23.29 11.96
C SER C 173 -25.23 -23.09 12.24
N ALA C 174 -24.36 -23.09 11.22
CA ALA C 174 -22.91 -22.91 11.42
C ALA C 174 -22.60 -21.53 11.99
N LEU C 175 -23.38 -20.50 11.64
CA LEU C 175 -23.25 -19.14 12.21
C LEU C 175 -24.49 -18.85 13.05
N ALA C 176 -24.33 -18.11 14.15
CA ALA C 176 -25.44 -17.49 14.92
C ALA C 176 -26.18 -16.48 14.02
N ALA C 177 -27.43 -16.16 14.38
CA ALA C 177 -28.41 -15.47 13.51
C ALA C 177 -27.88 -14.12 13.04
N PRO C 178 -27.28 -13.26 13.90
CA PRO C 178 -26.79 -11.97 13.42
C PRO C 178 -25.63 -12.15 12.42
N GLN C 179 -24.69 -13.02 12.75
CA GLN C 179 -23.52 -13.35 11.90
C GLN C 179 -24.02 -13.91 10.56
N ARG C 180 -24.97 -14.83 10.58
CA ARG C 180 -25.54 -15.45 9.36
C ARG C 180 -26.10 -14.34 8.47
N GLN C 181 -26.90 -13.42 9.01
CA GLN C 181 -27.53 -12.37 8.16
C GLN C 181 -26.44 -11.44 7.62
N GLN C 182 -25.37 -11.21 8.38
CA GLN C 182 -24.28 -10.30 7.93
C GLN C 182 -23.57 -10.94 6.74
N PHE C 183 -23.32 -12.25 6.81
CA PHE C 183 -22.69 -13.01 5.70
C PHE C 183 -23.57 -12.90 4.46
N VAL C 184 -24.85 -13.21 4.63
CA VAL C 184 -25.87 -13.01 3.56
C VAL C 184 -25.79 -11.58 3.02
N ASP C 185 -25.77 -10.55 3.86
CA ASP C 185 -25.85 -9.15 3.38
C ASP C 185 -24.57 -8.79 2.61
N TRP C 186 -23.43 -9.27 3.06
CA TRP C 186 -22.14 -9.06 2.33
C TRP C 186 -22.22 -9.70 0.93
N LEU C 187 -22.71 -10.94 0.84
CA LEU C 187 -22.85 -11.66 -0.45
C LEU C 187 -23.87 -10.93 -1.36
N LYS C 188 -24.95 -10.37 -0.80
CA LYS C 188 -26.01 -9.67 -1.57
C LYS C 188 -25.45 -8.38 -2.16
N GLY C 189 -24.53 -7.72 -1.46
CA GLY C 189 -23.88 -6.48 -1.93
C GLY C 189 -22.67 -6.75 -2.82
N ASN C 190 -22.40 -7.99 -3.21
CA ASN C 190 -21.23 -8.26 -4.10
C ASN C 190 -21.39 -7.43 -5.37
N THR C 191 -20.31 -6.84 -5.88
CA THR C 191 -20.32 -6.00 -7.12
C THR C 191 -19.70 -6.72 -8.33
N THR C 192 -19.08 -7.90 -8.17
CA THR C 192 -18.25 -8.52 -9.25
C THR C 192 -19.02 -9.60 -10.00
N GLY C 193 -20.23 -10.00 -9.58
CA GLY C 193 -20.92 -11.15 -10.20
C GLY C 193 -22.19 -10.87 -11.00
N ASN C 194 -22.28 -9.72 -11.65
CA ASN C 194 -23.52 -9.34 -12.37
C ASN C 194 -23.66 -10.16 -13.67
N HIS C 195 -22.56 -10.64 -14.21
CA HIS C 195 -22.58 -11.38 -15.50
C HIS C 195 -22.49 -12.90 -15.27
N ARG C 196 -22.70 -13.35 -14.04
CA ARG C 196 -22.55 -14.79 -13.74
C ARG C 196 -23.89 -15.37 -13.26
N ILE C 197 -23.95 -15.98 -12.08
CA ILE C 197 -25.20 -16.65 -11.59
C ILE C 197 -26.36 -15.65 -11.54
N ARG C 198 -26.07 -14.40 -11.20
CA ARG C 198 -27.11 -13.34 -11.15
C ARG C 198 -27.78 -13.15 -12.52
N ALA C 199 -27.04 -13.33 -13.61
CA ALA C 199 -27.59 -13.17 -14.97
C ALA C 199 -28.46 -14.37 -15.37
N ALA C 200 -28.46 -15.44 -14.58
CA ALA C 200 -29.28 -16.63 -14.87
C ALA C 200 -30.56 -16.60 -14.02
N VAL C 201 -30.76 -15.52 -13.28
CA VAL C 201 -31.90 -15.48 -12.32
C VAL C 201 -32.78 -14.26 -12.56
N PRO C 202 -34.12 -14.35 -12.38
CA PRO C 202 -34.99 -13.17 -12.48
C PRO C 202 -34.51 -12.06 -11.54
N ALA C 203 -34.61 -10.81 -12.01
CA ALA C 203 -34.09 -9.61 -11.30
C ALA C 203 -34.78 -9.42 -9.93
N ASP C 204 -36.00 -9.92 -9.72
CA ASP C 204 -36.74 -9.75 -8.44
C ASP C 204 -36.36 -10.84 -7.41
N TRP C 205 -35.47 -11.78 -7.72
CA TRP C 205 -35.01 -12.82 -6.77
C TRP C 205 -33.82 -12.27 -6.01
N ALA C 206 -33.82 -12.35 -4.67
CA ALA C 206 -32.63 -11.96 -3.88
C ALA C 206 -31.52 -12.97 -4.20
N VAL C 207 -30.31 -12.46 -4.38
CA VAL C 207 -29.10 -13.27 -4.70
C VAL C 207 -27.94 -12.71 -3.87
N GLY C 208 -27.20 -13.61 -3.23
CA GLY C 208 -25.84 -13.31 -2.73
C GLY C 208 -24.84 -14.22 -3.41
N ASP C 209 -23.68 -13.68 -3.78
CA ASP C 209 -22.70 -14.48 -4.55
C ASP C 209 -21.29 -14.04 -4.20
N LYS C 210 -20.32 -14.92 -4.43
CA LYS C 210 -18.88 -14.59 -4.50
C LYS C 210 -18.28 -15.22 -5.75
N THR C 211 -17.53 -14.43 -6.48
CA THR C 211 -16.87 -14.77 -7.77
C THR C 211 -15.42 -15.18 -7.51
N GLY C 212 -14.84 -15.90 -8.48
CA GLY C 212 -13.41 -16.15 -8.59
C GLY C 212 -13.00 -16.05 -10.06
N THR C 213 -11.87 -15.40 -10.33
CA THR C 213 -11.28 -15.27 -11.67
C THR C 213 -9.76 -15.38 -11.52
N CYS C 214 -9.20 -16.57 -11.75
CA CYS C 214 -7.74 -16.84 -11.56
C CYS C 214 -6.94 -16.05 -12.62
N GLY C 215 -7.49 -15.80 -13.80
CA GLY C 215 -6.85 -15.01 -14.88
C GLY C 215 -6.01 -15.87 -15.79
N VAL C 216 -5.97 -17.18 -15.57
CA VAL C 216 -5.20 -18.19 -16.34
C VAL C 216 -6.02 -19.48 -16.45
N TYR C 217 -5.74 -20.30 -17.44
CA TYR C 217 -6.29 -21.67 -17.58
C TYR C 217 -7.83 -21.63 -17.63
N GLY C 218 -8.40 -20.61 -18.28
CA GLY C 218 -9.86 -20.40 -18.36
C GLY C 218 -10.56 -20.69 -17.02
N THR C 219 -9.94 -20.33 -15.90
CA THR C 219 -10.36 -20.76 -14.56
C THR C 219 -11.10 -19.61 -13.87
N ALA C 220 -12.41 -19.78 -13.69
CA ALA C 220 -13.31 -18.80 -13.05
C ALA C 220 -14.51 -19.54 -12.48
N ASN C 221 -15.23 -18.87 -11.57
CA ASN C 221 -16.28 -19.52 -10.77
C ASN C 221 -17.19 -18.45 -10.15
N ASP C 222 -18.31 -18.95 -9.62
CA ASP C 222 -19.28 -18.14 -8.86
C ASP C 222 -20.02 -19.12 -7.97
N TYR C 223 -20.30 -18.73 -6.74
CA TYR C 223 -21.29 -19.47 -5.90
C TYR C 223 -22.29 -18.46 -5.36
N ALA C 224 -23.50 -18.93 -5.08
CA ALA C 224 -24.64 -18.05 -4.75
C ALA C 224 -25.64 -18.80 -3.91
N VAL C 225 -26.32 -18.04 -3.06
CA VAL C 225 -27.66 -18.39 -2.52
C VAL C 225 -28.64 -17.51 -3.26
N VAL C 226 -29.73 -18.11 -3.70
CA VAL C 226 -30.82 -17.49 -4.47
C VAL C 226 -32.12 -17.72 -3.71
N TRP C 227 -32.89 -16.65 -3.48
CA TRP C 227 -34.22 -16.72 -2.82
C TRP C 227 -35.28 -16.45 -3.88
N PRO C 228 -35.86 -17.49 -4.51
CA PRO C 228 -36.95 -17.27 -5.45
C PRO C 228 -38.15 -16.74 -4.68
N THR C 229 -38.89 -15.79 -5.25
CA THR C 229 -40.06 -15.13 -4.62
C THR C 229 -40.99 -16.20 -4.06
N GLY C 230 -41.22 -16.19 -2.75
CA GLY C 230 -42.17 -17.07 -2.06
C GLY C 230 -41.74 -18.52 -1.96
N ARG C 231 -40.50 -18.88 -2.28
CA ARG C 231 -40.06 -20.31 -2.29
C ARG C 231 -38.79 -20.49 -1.45
N ALA C 232 -38.49 -21.74 -1.08
CA ALA C 232 -37.27 -22.08 -0.31
C ALA C 232 -36.05 -21.68 -1.15
N PRO C 233 -34.96 -21.21 -0.51
CA PRO C 233 -33.78 -20.82 -1.26
C PRO C 233 -33.09 -21.99 -2.00
N ILE C 234 -32.32 -21.64 -3.01
CA ILE C 234 -31.46 -22.53 -3.83
C ILE C 234 -30.00 -22.10 -3.60
N VAL C 235 -29.12 -23.06 -3.39
CA VAL C 235 -27.66 -22.85 -3.20
C VAL C 235 -26.96 -23.55 -4.37
N LEU C 236 -26.01 -22.87 -5.01
CA LEU C 236 -25.32 -23.47 -6.19
C LEU C 236 -23.91 -22.86 -6.36
N ALA C 237 -23.05 -23.66 -6.97
CA ALA C 237 -21.63 -23.34 -7.27
C ALA C 237 -21.37 -23.74 -8.72
N VAL C 238 -20.75 -22.84 -9.47
CA VAL C 238 -20.32 -23.09 -10.87
C VAL C 238 -18.82 -22.78 -10.97
N TYR C 239 -18.01 -23.80 -11.26
CA TYR C 239 -16.53 -23.71 -11.39
C TYR C 239 -16.14 -24.13 -12.81
N THR C 240 -15.19 -23.43 -13.41
CA THR C 240 -14.63 -23.75 -14.74
C THR C 240 -13.12 -23.83 -14.63
N ARG C 241 -12.51 -24.64 -15.50
CA ARG C 241 -11.06 -24.63 -15.78
C ARG C 241 -10.87 -25.10 -17.24
N ALA C 242 -9.68 -24.86 -17.79
CA ALA C 242 -9.29 -25.25 -19.17
C ALA C 242 -7.82 -25.66 -19.15
N PRO C 243 -7.39 -26.51 -20.12
CA PRO C 243 -6.06 -27.13 -20.05
C PRO C 243 -4.87 -26.24 -20.43
N ASN C 244 -5.06 -25.13 -21.13
CA ASN C 244 -3.96 -24.23 -21.58
C ASN C 244 -3.97 -22.90 -20.81
N LYS C 245 -2.78 -22.42 -20.45
CA LYS C 245 -2.58 -21.21 -19.63
C LYS C 245 -3.34 -20.02 -20.23
N ASP C 246 -3.41 -19.87 -21.55
CA ASP C 246 -3.98 -18.66 -22.20
C ASP C 246 -5.44 -18.93 -22.65
N ASP C 247 -6.03 -20.08 -22.34
CA ASP C 247 -7.49 -20.29 -22.54
C ASP C 247 -8.25 -19.22 -21.73
N LYS C 248 -9.23 -18.58 -22.36
CA LYS C 248 -9.99 -17.44 -21.78
C LYS C 248 -11.12 -18.05 -20.91
N HIS C 249 -11.32 -17.52 -19.71
CA HIS C 249 -12.54 -17.81 -18.90
C HIS C 249 -13.73 -17.17 -19.61
N SER C 250 -14.95 -17.61 -19.30
CA SER C 250 -16.20 -17.06 -19.86
C SER C 250 -17.24 -16.86 -18.75
N GLU C 251 -17.67 -15.62 -18.53
CA GLU C 251 -18.79 -15.31 -17.64
C GLU C 251 -20.08 -15.92 -18.23
N ALA C 252 -20.28 -15.82 -19.55
CA ALA C 252 -21.48 -16.30 -20.25
C ALA C 252 -21.65 -17.81 -20.01
N VAL C 253 -20.55 -18.56 -20.04
CA VAL C 253 -20.59 -20.03 -19.79
C VAL C 253 -21.05 -20.27 -18.34
N ILE C 254 -20.56 -19.49 -17.38
CA ILE C 254 -20.96 -19.65 -15.96
C ILE C 254 -22.47 -19.37 -15.83
N ALA C 255 -22.96 -18.29 -16.44
CA ALA C 255 -24.39 -17.93 -16.47
C ALA C 255 -25.19 -19.08 -17.09
N ALA C 256 -24.72 -19.63 -18.21
CA ALA C 256 -25.49 -20.66 -18.96
C ALA C 256 -25.57 -21.93 -18.12
N ALA C 257 -24.50 -22.24 -17.41
CA ALA C 257 -24.42 -23.43 -16.52
C ALA C 257 -25.39 -23.24 -15.36
N ALA C 258 -25.45 -22.02 -14.80
CA ALA C 258 -26.39 -21.69 -13.70
C ALA C 258 -27.84 -21.87 -14.21
N ARG C 259 -28.16 -21.38 -15.41
CA ARG C 259 -29.51 -21.57 -16.01
C ARG C 259 -29.83 -23.07 -16.11
N LEU C 260 -28.88 -23.89 -16.61
CA LEU C 260 -29.13 -25.35 -16.76
C LEU C 260 -29.37 -25.97 -15.38
N ALA C 261 -28.59 -25.57 -14.39
CA ALA C 261 -28.67 -26.14 -13.02
C ALA C 261 -30.07 -25.84 -12.47
N LEU C 262 -30.59 -24.65 -12.70
CA LEU C 262 -31.91 -24.25 -12.16
C LEU C 262 -33.05 -24.98 -12.88
N GLU C 263 -32.95 -25.14 -14.20
CA GLU C 263 -33.98 -25.89 -14.98
C GLU C 263 -33.97 -27.35 -14.52
N GLY C 264 -32.79 -27.91 -14.22
CA GLY C 264 -32.67 -29.28 -13.71
C GLY C 264 -33.35 -29.47 -12.37
N LEU C 265 -33.55 -28.39 -11.63
CA LEU C 265 -34.20 -28.45 -10.30
C LEU C 265 -35.72 -28.24 -10.47
N GLY C 266 -36.20 -28.13 -11.71
CA GLY C 266 -37.65 -28.05 -11.97
C GLY C 266 -38.44 -29.15 -11.25
N ASP D 1 20.65 -11.97 -3.59
CA ASP D 1 20.76 -13.11 -2.64
C ASP D 1 19.49 -13.98 -2.64
N LEU D 2 19.43 -14.84 -1.64
CA LEU D 2 18.44 -15.93 -1.40
C LEU D 2 17.35 -15.52 -0.40
N THR D 3 17.40 -14.31 0.15
CA THR D 3 16.48 -13.90 1.26
C THR D 3 15.05 -13.77 0.75
N ASN D 4 14.86 -13.58 -0.56
CA ASN D 4 13.52 -13.47 -1.19
C ASN D 4 13.16 -14.80 -1.86
N LEU D 5 13.79 -15.92 -1.50
CA LEU D 5 13.45 -17.24 -2.07
C LEU D 5 13.13 -18.23 -0.96
N VAL D 6 12.68 -17.75 0.20
CA VAL D 6 12.30 -18.63 1.33
C VAL D 6 10.77 -18.64 1.52
N ALA D 7 10.03 -17.67 0.98
CA ALA D 7 8.56 -17.55 1.17
C ALA D 7 7.85 -18.83 0.71
N GLU D 8 8.13 -19.33 -0.49
CA GLU D 8 7.47 -20.54 -1.05
C GLU D 8 7.79 -21.73 -0.15
N PRO D 9 9.06 -22.06 0.16
CA PRO D 9 9.37 -23.19 1.04
C PRO D 9 8.75 -23.06 2.44
N PHE D 10 8.66 -21.84 3.00
CA PHE D 10 8.03 -21.59 4.31
C PHE D 10 6.53 -21.87 4.22
N ALA D 11 5.87 -21.39 3.18
CA ALA D 11 4.44 -21.66 2.91
C ALA D 11 4.21 -23.17 2.84
N LYS D 12 5.05 -23.90 2.11
CA LYS D 12 4.89 -25.37 1.98
C LYS D 12 5.03 -25.99 3.37
N LEU D 13 6.01 -25.54 4.16
CA LEU D 13 6.27 -26.08 5.51
C LEU D 13 5.06 -25.80 6.42
N GLU D 14 4.49 -24.61 6.39
CA GLU D 14 3.40 -24.28 7.34
C GLU D 14 2.11 -25.01 6.89
N GLN D 15 1.98 -25.31 5.60
CA GLN D 15 0.85 -26.13 5.07
C GLN D 15 1.00 -27.59 5.53
N ASP D 16 2.20 -28.17 5.49
CA ASP D 16 2.45 -29.55 5.98
C ASP D 16 2.19 -29.60 7.49
N PHE D 17 2.58 -28.53 8.21
CA PHE D 17 2.44 -28.42 9.68
C PHE D 17 0.97 -28.30 10.04
N GLY D 18 0.19 -27.57 9.26
CA GLY D 18 -1.21 -27.22 9.55
C GLY D 18 -1.34 -25.94 10.38
N GLY D 19 -0.47 -24.96 10.16
CA GLY D 19 -0.46 -23.76 11.00
C GLY D 19 0.37 -22.63 10.44
N SER D 20 0.82 -21.74 11.31
CA SER D 20 1.60 -20.53 10.96
C SER D 20 3.01 -20.62 11.53
N ILE D 21 4.00 -20.19 10.73
CA ILE D 21 5.44 -20.22 11.09
C ILE D 21 5.97 -18.81 10.92
N GLY D 22 6.66 -18.31 11.95
CA GLY D 22 7.25 -16.96 11.96
C GLY D 22 8.75 -17.07 12.15
N VAL D 23 9.52 -16.44 11.28
CA VAL D 23 11.01 -16.57 11.30
C VAL D 23 11.64 -15.20 11.08
N TYR D 24 12.68 -14.91 11.83
CA TYR D 24 13.60 -13.78 11.54
C TYR D 24 15.01 -14.26 11.86
N ALA D 25 15.92 -14.07 10.90
CA ALA D 25 17.33 -14.47 11.02
C ALA D 25 18.20 -13.31 10.53
N MET D 26 19.29 -13.10 11.26
CA MET D 26 20.18 -11.93 11.10
C MET D 26 21.60 -12.48 11.00
N ASP D 27 22.25 -12.26 9.85
CA ASP D 27 23.71 -12.48 9.66
C ASP D 27 24.40 -11.23 10.20
N THR D 28 25.07 -11.30 11.34
CA THR D 28 25.72 -10.12 11.97
C THR D 28 26.98 -9.73 11.18
N GLY D 29 27.45 -10.60 10.29
CA GLY D 29 28.55 -10.31 9.33
C GLY D 29 28.12 -9.28 8.30
N SER D 30 27.18 -9.64 7.42
CA SER D 30 26.71 -8.80 6.29
C SER D 30 25.64 -7.81 6.73
N GLY D 31 24.92 -8.04 7.84
CA GLY D 31 23.72 -7.26 8.17
C GLY D 31 22.47 -7.77 7.43
N ALA D 32 22.60 -8.83 6.61
CA ALA D 32 21.47 -9.42 5.86
C ALA D 32 20.47 -10.10 6.82
N THR D 33 19.20 -10.09 6.45
CA THR D 33 18.12 -10.74 7.22
C THR D 33 17.25 -11.59 6.32
N VAL D 34 16.68 -12.64 6.90
CA VAL D 34 15.55 -13.43 6.36
C VAL D 34 14.35 -13.15 7.25
N SER D 35 13.22 -12.84 6.60
CA SER D 35 11.93 -12.46 7.21
C SER D 35 10.84 -13.36 6.63
N TYR D 36 10.09 -14.06 7.48
CA TYR D 36 8.81 -14.67 7.05
C TYR D 36 7.80 -14.50 8.19
N ARG D 37 6.77 -13.67 7.95
CA ARG D 37 5.74 -13.35 8.97
C ARG D 37 6.42 -12.87 10.27
N ALA D 38 7.55 -12.18 10.10
CA ALA D 38 8.48 -11.85 11.18
C ALA D 38 7.87 -10.78 12.08
N GLU D 39 6.87 -10.06 11.61
CA GLU D 39 6.25 -8.95 12.39
C GLU D 39 4.87 -9.36 12.95
N GLU D 40 4.42 -10.59 12.69
CA GLU D 40 3.19 -11.13 13.34
C GLU D 40 3.53 -11.51 14.79
N ARG D 41 2.51 -11.44 15.65
CA ARG D 41 2.59 -11.87 17.06
C ARG D 41 2.42 -13.39 17.14
N PHE D 42 3.27 -14.03 17.93
CA PHE D 42 3.21 -15.45 18.31
C PHE D 42 3.36 -15.53 19.82
N PRO D 43 2.70 -16.49 20.48
CA PRO D 43 2.89 -16.68 21.91
C PRO D 43 4.36 -17.00 22.25
N LEU D 44 4.85 -16.38 23.31
CA LEU D 44 6.23 -16.56 23.82
C LEU D 44 6.38 -17.95 24.42
N CYS D 45 5.33 -18.43 25.10
CA CYS D 45 5.41 -19.65 25.95
C CYS D 45 6.62 -19.45 26.89
N SER D 46 7.43 -20.47 27.12
CA SER D 46 8.59 -20.45 28.05
C SER D 46 9.72 -19.57 27.51
N SER D 47 9.66 -19.12 26.25
CA SER D 47 10.79 -18.45 25.58
C SER D 47 11.09 -17.11 26.30
N PHE D 48 10.13 -16.57 27.04
CA PHE D 48 10.31 -15.30 27.80
C PHE D 48 11.40 -15.51 28.87
N LYS D 49 11.66 -16.74 29.30
CA LYS D 49 12.57 -17.04 30.43
C LYS D 49 14.02 -16.62 30.08
N GLY D 50 14.42 -16.69 28.82
CA GLY D 50 15.72 -16.18 28.39
C GLY D 50 15.84 -14.70 28.69
N PHE D 51 14.84 -13.92 28.31
CA PHE D 51 14.80 -12.44 28.52
C PHE D 51 14.69 -12.16 30.01
N LEU D 52 13.98 -13.02 30.75
CA LEU D 52 13.89 -12.92 32.23
C LEU D 52 15.29 -12.97 32.83
N ALA D 53 16.10 -13.98 32.45
CA ALA D 53 17.48 -14.15 32.93
C ALA D 53 18.33 -12.95 32.52
N ALA D 54 18.15 -12.41 31.31
CA ALA D 54 18.86 -11.21 30.85
C ALA D 54 18.52 -10.04 31.79
N ALA D 55 17.25 -9.89 32.19
CA ALA D 55 16.78 -8.77 33.05
C ALA D 55 17.42 -8.90 34.44
N VAL D 56 17.51 -10.10 34.98
CA VAL D 56 18.23 -10.37 36.27
C VAL D 56 19.68 -9.89 36.11
N LEU D 57 20.36 -10.29 35.03
CA LEU D 57 21.78 -9.91 34.78
C LEU D 57 21.89 -8.39 34.66
N ALA D 58 20.98 -7.72 33.95
CA ALA D 58 20.94 -6.25 33.80
C ALA D 58 20.91 -5.61 35.19
N ARG D 59 20.05 -6.11 36.07
CA ARG D 59 19.91 -5.55 37.44
C ARG D 59 21.20 -5.82 38.24
N SER D 60 21.86 -6.97 38.03
CA SER D 60 23.11 -7.37 38.74
C SER D 60 24.25 -6.38 38.46
N GLN D 61 24.19 -5.63 37.34
CA GLN D 61 25.21 -4.63 36.95
C GLN D 61 25.30 -3.52 38.01
N GLN D 62 24.17 -3.11 38.59
CA GLN D 62 24.11 -2.00 39.59
C GLN D 62 23.79 -2.57 40.98
N GLN D 63 23.77 -3.89 41.17
CA GLN D 63 23.44 -4.51 42.48
C GLN D 63 24.35 -5.69 42.79
N ALA D 64 25.50 -5.43 43.43
CA ALA D 64 26.48 -6.44 43.85
C ALA D 64 25.78 -7.48 44.72
N GLY D 65 26.06 -8.77 44.49
CA GLY D 65 25.56 -9.88 45.31
C GLY D 65 24.17 -10.37 44.91
N LEU D 66 23.51 -9.78 43.91
CA LEU D 66 22.16 -10.25 43.45
C LEU D 66 22.24 -11.73 43.08
N LEU D 67 23.21 -12.14 42.26
CA LEU D 67 23.21 -13.51 41.72
C LEU D 67 23.37 -14.51 42.88
N ASP D 68 24.11 -14.16 43.94
CA ASP D 68 24.40 -15.09 45.07
C ASP D 68 23.33 -14.99 46.14
N THR D 69 22.36 -14.07 46.01
CA THR D 69 21.25 -13.92 46.99
C THR D 69 20.45 -15.22 47.06
N PRO D 70 20.38 -15.88 48.25
CA PRO D 70 19.56 -17.07 48.42
C PRO D 70 18.07 -16.69 48.45
N ILE D 71 17.24 -17.49 47.79
CA ILE D 71 15.75 -17.35 47.78
C ILE D 71 15.21 -18.62 48.44
N ARG D 72 14.51 -18.44 49.56
CA ARG D 72 13.82 -19.55 50.29
C ARG D 72 12.37 -19.52 49.81
N TYR D 73 11.86 -20.65 49.34
CA TYR D 73 10.49 -20.75 48.79
C TYR D 73 9.87 -22.00 49.40
N GLY D 74 8.54 -22.00 49.55
CA GLY D 74 7.78 -23.16 50.04
C GLY D 74 7.20 -23.95 48.88
N LYS D 75 6.47 -25.02 49.20
CA LYS D 75 5.76 -25.84 48.20
C LYS D 75 4.74 -24.97 47.45
N ASN D 76 4.25 -23.88 48.06
CA ASN D 76 3.26 -22.94 47.44
C ASN D 76 3.84 -22.33 46.15
N ALA D 77 5.15 -22.23 46.00
CA ALA D 77 5.83 -21.62 44.83
C ALA D 77 5.86 -22.64 43.66
N LEU D 78 5.81 -23.93 43.98
CA LEU D 78 5.97 -24.99 42.96
C LEU D 78 4.74 -25.05 42.07
N VAL D 79 4.94 -24.91 40.77
CA VAL D 79 3.87 -25.16 39.77
C VAL D 79 4.40 -26.29 38.90
N PRO D 80 3.55 -26.96 38.12
CA PRO D 80 4.00 -28.04 37.24
C PRO D 80 5.20 -27.62 36.37
N TRP D 81 6.06 -28.60 36.06
CA TRP D 81 7.34 -28.45 35.30
C TRP D 81 8.23 -27.45 36.04
N SER D 82 8.67 -27.85 37.22
CA SER D 82 9.66 -27.17 38.07
C SER D 82 10.68 -28.21 38.48
N PRO D 83 11.36 -28.88 37.52
CA PRO D 83 12.20 -30.04 37.82
C PRO D 83 13.40 -29.72 38.75
N ILE D 84 13.92 -28.50 38.70
CA ILE D 84 15.09 -28.09 39.54
C ILE D 84 14.59 -27.50 40.86
N SER D 85 13.66 -26.55 40.84
CA SER D 85 13.15 -25.87 42.05
C SER D 85 12.55 -26.88 43.03
N GLU D 86 11.92 -27.92 42.51
CA GLU D 86 11.32 -29.04 43.28
C GLU D 86 12.37 -29.70 44.16
N LYS D 87 13.60 -29.88 43.65
CA LYS D 87 14.66 -30.65 44.35
C LYS D 87 15.23 -29.84 45.53
N TYR D 88 15.13 -28.51 45.53
CA TYR D 88 15.88 -27.65 46.47
C TYR D 88 14.92 -26.90 47.40
N LEU D 89 13.72 -27.48 47.59
CA LEU D 89 12.68 -26.97 48.52
C LEU D 89 13.28 -26.75 49.92
N THR D 90 14.10 -27.70 50.40
CA THR D 90 14.64 -27.70 51.78
C THR D 90 15.77 -26.67 51.91
N THR D 91 16.56 -26.43 50.84
CA THR D 91 17.78 -25.59 50.89
C THR D 91 17.58 -24.19 50.28
N GLY D 92 16.53 -24.01 49.47
CA GLY D 92 16.38 -22.81 48.62
C GLY D 92 17.41 -22.80 47.50
N MET D 93 17.44 -21.73 46.70
CA MET D 93 18.33 -21.57 45.51
C MET D 93 18.72 -20.11 45.40
N THR D 94 19.93 -19.83 44.92
CA THR D 94 20.40 -18.46 44.61
C THR D 94 19.65 -17.93 43.38
N VAL D 95 19.64 -16.61 43.21
CA VAL D 95 19.10 -15.95 42.00
C VAL D 95 19.77 -16.54 40.75
N ALA D 96 21.08 -16.79 40.79
CA ALA D 96 21.85 -17.39 39.69
C ALA D 96 21.34 -18.79 39.38
N GLU D 97 21.11 -19.63 40.39
CA GLU D 97 20.66 -21.03 40.18
C GLU D 97 19.25 -21.03 39.59
N LEU D 98 18.36 -20.16 40.08
CA LEU D 98 16.98 -19.99 39.55
C LEU D 98 17.05 -19.58 38.08
N SER D 99 17.93 -18.63 37.73
CA SER D 99 18.10 -18.09 36.37
C SER D 99 18.56 -19.24 35.45
N ALA D 100 19.58 -20.00 35.87
CA ALA D 100 20.10 -21.17 35.12
C ALA D 100 19.00 -22.23 34.98
N ALA D 101 18.24 -22.51 36.04
CA ALA D 101 17.12 -23.47 35.99
C ALA D 101 16.05 -22.98 35.00
N ALA D 102 15.71 -21.68 35.00
CA ALA D 102 14.67 -21.10 34.12
C ALA D 102 15.13 -21.21 32.66
N VAL D 103 16.41 -20.95 32.39
CA VAL D 103 16.95 -20.92 31.00
C VAL D 103 17.11 -22.36 30.52
N GLN D 104 17.76 -23.21 31.33
CA GLN D 104 18.35 -24.50 30.84
C GLN D 104 17.34 -25.65 31.02
N TYR D 105 16.36 -25.51 31.91
CA TYR D 105 15.33 -26.56 32.17
C TYR D 105 13.92 -25.98 32.10
N SER D 106 13.78 -24.69 31.77
CA SER D 106 12.46 -24.03 31.63
C SER D 106 11.66 -24.17 32.93
N ASP D 107 12.35 -24.12 34.06
CA ASP D 107 11.75 -24.31 35.41
C ASP D 107 10.70 -23.21 35.67
N ASN D 108 9.45 -23.58 35.84
CA ASN D 108 8.32 -22.62 35.97
C ASN D 108 8.34 -21.90 37.33
N ALA D 109 8.56 -22.62 38.43
CA ALA D 109 8.62 -22.01 39.78
C ALA D 109 9.78 -21.01 39.82
N ALA D 110 10.93 -21.40 39.24
CA ALA D 110 12.11 -20.52 39.12
C ALA D 110 11.73 -19.24 38.38
N ALA D 111 11.03 -19.37 37.24
CA ALA D 111 10.62 -18.23 36.41
C ALA D 111 9.72 -17.30 37.23
N ASN D 112 8.75 -17.85 37.97
CA ASN D 112 7.76 -17.06 38.75
C ASN D 112 8.48 -16.33 39.89
N LEU D 113 9.43 -16.99 40.56
CA LEU D 113 10.20 -16.38 41.67
C LEU D 113 11.04 -15.21 41.10
N LEU D 114 11.66 -15.41 39.94
CA LEU D 114 12.49 -14.34 39.31
C LEU D 114 11.58 -13.19 38.85
N LEU D 115 10.41 -13.53 38.28
CA LEU D 115 9.43 -12.51 37.85
C LEU D 115 9.05 -11.66 39.07
N LYS D 116 8.81 -12.30 40.23
CA LYS D 116 8.47 -11.58 41.48
C LYS D 116 9.58 -10.57 41.77
N GLU D 117 10.84 -11.00 41.73
CA GLU D 117 12.03 -10.13 41.96
C GLU D 117 12.01 -8.91 41.04
N LEU D 118 11.54 -9.04 39.80
CA LEU D 118 11.64 -7.96 38.78
C LEU D 118 10.35 -7.14 38.69
N GLY D 119 9.35 -7.43 39.51
CA GLY D 119 8.09 -6.66 39.55
C GLY D 119 7.05 -7.26 38.64
N GLY D 120 7.04 -8.57 38.47
CA GLY D 120 6.03 -9.28 37.67
C GLY D 120 6.20 -9.11 36.16
N PRO D 121 5.23 -9.61 35.39
CA PRO D 121 5.25 -9.49 33.92
C PRO D 121 5.46 -8.05 33.42
N ALA D 122 4.86 -7.07 34.08
CA ALA D 122 5.01 -5.63 33.79
C ALA D 122 6.49 -5.23 33.93
N GLY D 123 7.16 -5.70 34.97
CA GLY D 123 8.60 -5.44 35.20
C GLY D 123 9.48 -5.99 34.08
N LEU D 124 9.25 -7.24 33.65
CA LEU D 124 10.04 -7.82 32.53
C LEU D 124 9.73 -7.03 31.24
N THR D 125 8.47 -6.67 31.03
CA THR D 125 8.03 -5.90 29.83
C THR D 125 8.75 -4.56 29.83
N ALA D 126 8.82 -3.88 30.98
CA ALA D 126 9.54 -2.60 31.17
C ALA D 126 11.04 -2.77 30.82
N PHE D 127 11.67 -3.84 31.26
CA PHE D 127 13.09 -4.14 30.91
C PHE D 127 13.21 -4.21 29.38
N MET D 128 12.30 -4.91 28.72
CA MET D 128 12.33 -5.09 27.25
C MET D 128 12.12 -3.72 26.56
N ARG D 129 11.24 -2.86 27.09
CA ARG D 129 11.07 -1.48 26.54
C ARG D 129 12.39 -0.72 26.69
N SER D 130 13.10 -0.94 27.80
CA SER D 130 14.33 -0.18 28.15
C SER D 130 15.46 -0.51 27.15
N ILE D 131 15.43 -1.66 26.46
CA ILE D 131 16.44 -1.99 25.42
C ILE D 131 15.88 -1.71 24.00
N GLY D 132 14.69 -1.09 23.90
CA GLY D 132 14.11 -0.62 22.64
C GLY D 132 13.19 -1.65 21.98
N ASP D 133 12.73 -2.67 22.71
CA ASP D 133 11.73 -3.66 22.21
C ASP D 133 10.33 -3.13 22.57
N THR D 134 9.57 -2.67 21.57
CA THR D 134 8.22 -2.09 21.72
C THR D 134 7.14 -3.14 21.41
N THR D 135 7.54 -4.36 21.04
CA THR D 135 6.60 -5.45 20.63
C THR D 135 6.37 -6.41 21.78
N PHE D 136 7.43 -6.83 22.48
CA PHE D 136 7.35 -7.84 23.56
C PHE D 136 6.30 -7.40 24.57
N ARG D 137 5.42 -8.32 24.98
CA ARG D 137 4.56 -8.09 26.17
C ARG D 137 4.41 -9.40 26.90
N LEU D 138 4.74 -9.39 28.20
CA LEU D 138 4.32 -10.44 29.15
C LEU D 138 3.26 -9.82 30.06
N ASP D 139 2.15 -10.54 30.19
CA ASP D 139 0.88 -10.07 30.82
C ASP D 139 0.56 -10.96 32.02
N ARG D 140 0.97 -12.23 31.97
CA ARG D 140 0.58 -13.26 32.96
C ARG D 140 1.82 -14.00 33.46
N TRP D 141 1.62 -14.88 34.45
CA TRP D 141 2.66 -15.70 35.12
C TRP D 141 2.60 -17.11 34.55
N GLU D 142 3.50 -17.98 34.97
CA GLU D 142 3.39 -19.41 34.59
C GLU D 142 2.33 -20.01 35.52
N LEU D 143 1.33 -20.72 34.97
CA LEU D 143 1.33 -21.32 33.62
C LEU D 143 0.26 -20.66 32.75
N GLU D 144 -0.42 -19.64 33.26
CA GLU D 144 -1.55 -18.99 32.55
C GLU D 144 -1.08 -18.35 31.24
N LEU D 145 0.17 -17.93 31.17
CA LEU D 145 0.70 -17.23 29.97
C LEU D 145 0.75 -18.17 28.76
N ASN D 146 0.50 -19.47 28.94
CA ASN D 146 0.64 -20.51 27.88
C ASN D 146 -0.67 -20.78 27.12
N SER D 147 -1.77 -20.06 27.37
CA SER D 147 -3.10 -20.33 26.77
C SER D 147 -3.04 -20.27 25.23
N ALA D 148 -2.24 -19.36 24.64
CA ALA D 148 -1.87 -19.36 23.20
C ALA D 148 -3.13 -19.29 22.31
N ILE D 149 -4.13 -18.51 22.74
CA ILE D 149 -5.43 -18.42 22.05
C ILE D 149 -5.22 -17.63 20.75
N PRO D 150 -5.68 -18.13 19.59
CA PRO D 150 -5.63 -17.36 18.36
C PRO D 150 -6.18 -15.94 18.53
N GLY D 151 -5.47 -14.93 18.05
CA GLY D 151 -5.90 -13.51 18.09
C GLY D 151 -5.59 -12.83 19.40
N ASP D 152 -5.20 -13.57 20.44
CA ASP D 152 -4.89 -13.03 21.79
C ASP D 152 -3.46 -12.47 21.78
N ALA D 153 -3.29 -11.16 21.94
CA ALA D 153 -1.98 -10.47 21.95
C ALA D 153 -1.26 -10.63 23.30
N ARG D 154 -1.92 -11.14 24.34
CA ARG D 154 -1.28 -11.30 25.67
C ARG D 154 -0.09 -12.26 25.53
N ASP D 155 1.04 -11.95 26.17
CA ASP D 155 2.18 -12.90 26.30
C ASP D 155 2.69 -13.29 24.90
N THR D 156 2.89 -12.28 24.04
CA THR D 156 3.37 -12.48 22.65
C THR D 156 4.52 -11.53 22.34
N SER D 157 5.28 -11.88 21.31
CA SER D 157 6.18 -10.96 20.59
C SER D 157 6.19 -11.37 19.12
N SER D 158 7.04 -10.72 18.33
CA SER D 158 7.25 -11.06 16.91
C SER D 158 8.59 -11.75 16.81
N PRO D 159 8.78 -12.68 15.84
CA PRO D 159 10.10 -13.25 15.61
C PRO D 159 11.17 -12.17 15.44
N ARG D 160 10.84 -11.07 14.79
CA ARG D 160 11.83 -9.99 14.52
C ARG D 160 12.24 -9.33 15.85
N ALA D 161 11.27 -8.94 16.69
CA ALA D 161 11.54 -8.27 17.98
C ALA D 161 12.36 -9.22 18.86
N VAL D 162 12.02 -10.51 18.87
CA VAL D 162 12.77 -11.52 19.68
C VAL D 162 14.22 -11.55 19.19
N THR D 163 14.45 -11.63 17.87
CA THR D 163 15.80 -11.75 17.28
C THR D 163 16.59 -10.47 17.60
N GLU D 164 15.98 -9.30 17.40
CA GLU D 164 16.64 -7.99 17.64
C GLU D 164 17.03 -7.84 19.11
N SER D 165 16.13 -8.18 20.02
CA SER D 165 16.40 -8.14 21.48
C SER D 165 17.48 -9.17 21.83
N LEU D 166 17.43 -10.36 21.24
CA LEU D 166 18.43 -11.42 21.54
C LEU D 166 19.81 -10.92 21.10
N GLN D 167 19.92 -10.30 19.92
CA GLN D 167 21.19 -9.74 19.40
C GLN D 167 21.71 -8.70 20.39
N LYS D 168 20.87 -7.75 20.82
CA LYS D 168 21.30 -6.65 21.72
C LYS D 168 21.89 -7.24 23.01
N LEU D 169 21.31 -8.33 23.52
CA LEU D 169 21.64 -8.89 24.84
C LEU D 169 22.86 -9.80 24.74
N THR D 170 23.02 -10.57 23.66
CA THR D 170 24.10 -11.59 23.54
C THR D 170 25.33 -11.04 22.81
N LEU D 171 25.18 -10.06 21.91
CA LEU D 171 26.28 -9.60 21.02
C LEU D 171 26.44 -8.07 21.10
N GLY D 172 25.37 -7.32 21.34
CA GLY D 172 25.43 -5.85 21.39
C GLY D 172 25.82 -5.37 22.77
N SER D 173 25.37 -4.19 23.15
CA SER D 173 25.87 -3.47 24.35
C SER D 173 24.79 -3.37 25.45
N ALA D 174 23.67 -4.08 25.35
CA ALA D 174 22.56 -3.96 26.32
C ALA D 174 23.01 -4.50 27.69
N LEU D 175 23.90 -5.49 27.72
CA LEU D 175 24.51 -6.00 28.98
C LEU D 175 26.00 -5.63 28.99
N ALA D 176 26.58 -5.38 30.16
CA ALA D 176 28.04 -5.32 30.39
C ALA D 176 28.67 -6.68 30.09
N ALA D 177 29.97 -6.68 29.82
CA ALA D 177 30.72 -7.82 29.25
C ALA D 177 30.57 -9.08 30.11
N PRO D 178 30.70 -9.04 31.44
CA PRO D 178 30.57 -10.26 32.23
C PRO D 178 29.13 -10.81 32.18
N GLN D 179 28.15 -9.92 32.33
CA GLN D 179 26.71 -10.28 32.28
C GLN D 179 26.39 -10.87 30.89
N ARG D 180 26.88 -10.24 29.83
CA ARG D 180 26.67 -10.73 28.44
C ARG D 180 27.19 -12.16 28.35
N GLN D 181 28.41 -12.45 28.79
CA GLN D 181 28.97 -13.81 28.60
C GLN D 181 28.18 -14.80 29.47
N GLN D 182 27.66 -14.37 30.61
CA GLN D 182 26.88 -15.28 31.50
C GLN D 182 25.57 -15.66 30.79
N PHE D 183 24.92 -14.71 30.15
CA PHE D 183 23.68 -14.94 29.37
C PHE D 183 23.99 -15.93 28.25
N VAL D 184 25.05 -15.66 27.49
CA VAL D 184 25.53 -16.59 26.44
C VAL D 184 25.77 -17.99 27.06
N ASP D 185 26.45 -18.09 28.20
CA ASP D 185 26.82 -19.42 28.75
C ASP D 185 25.55 -20.16 29.19
N TRP D 186 24.58 -19.46 29.76
CA TRP D 186 23.29 -20.06 30.17
C TRP D 186 22.57 -20.60 28.92
N LEU D 187 22.52 -19.84 27.84
CA LEU D 187 21.84 -20.27 26.57
C LEU D 187 22.58 -21.47 25.97
N LYS D 188 23.92 -21.52 26.07
CA LYS D 188 24.73 -22.63 25.49
C LYS D 188 24.47 -23.92 26.25
N GLY D 189 24.24 -23.83 27.55
CA GLY D 189 23.93 -24.98 28.42
C GLY D 189 22.45 -25.36 28.41
N ASN D 190 21.61 -24.76 27.56
CA ASN D 190 20.18 -25.16 27.50
C ASN D 190 20.10 -26.66 27.21
N THR D 191 19.19 -27.38 27.88
CA THR D 191 19.02 -28.85 27.70
C THR D 191 17.75 -29.19 26.87
N THR D 192 16.88 -28.23 26.58
CA THR D 192 15.53 -28.52 26.02
C THR D 192 15.48 -28.36 24.50
N GLY D 193 16.53 -27.86 23.83
CA GLY D 193 16.42 -27.55 22.39
C GLY D 193 17.24 -28.40 21.42
N ASN D 194 17.47 -29.67 21.72
CA ASN D 194 18.36 -30.52 20.87
C ASN D 194 17.67 -30.87 19.55
N HIS D 195 16.33 -30.81 19.51
CA HIS D 195 15.56 -31.21 18.31
C HIS D 195 15.02 -29.98 17.58
N ARG D 196 15.52 -28.80 17.91
CA ARG D 196 15.02 -27.55 17.29
C ARG D 196 16.14 -26.88 16.46
N ILE D 197 16.52 -25.64 16.79
CA ILE D 197 17.52 -24.91 15.96
C ILE D 197 18.86 -25.68 15.98
N ARG D 198 19.17 -26.37 17.07
CA ARG D 198 20.43 -27.15 17.21
C ARG D 198 20.50 -28.28 16.18
N ALA D 199 19.36 -28.81 15.74
CA ALA D 199 19.32 -29.91 14.75
C ALA D 199 19.54 -29.40 13.32
N ALA D 200 19.48 -28.09 13.11
CA ALA D 200 19.64 -27.49 11.76
C ALA D 200 21.05 -26.93 11.60
N VAL D 201 21.92 -27.24 12.53
CA VAL D 201 23.27 -26.62 12.59
C VAL D 201 24.35 -27.71 12.67
N PRO D 202 25.48 -27.59 11.95
CA PRO D 202 26.60 -28.51 12.13
C PRO D 202 27.02 -28.62 13.60
N ALA D 203 27.38 -29.84 14.02
CA ALA D 203 27.65 -30.20 15.43
C ALA D 203 28.79 -29.36 16.01
N ASP D 204 29.76 -28.91 15.21
CA ASP D 204 30.96 -28.19 15.72
C ASP D 204 30.69 -26.66 15.79
N TRP D 205 29.50 -26.18 15.47
CA TRP D 205 29.14 -24.74 15.62
C TRP D 205 28.59 -24.52 17.04
N ALA D 206 29.11 -23.53 17.78
CA ALA D 206 28.54 -23.19 19.10
C ALA D 206 27.13 -22.62 18.90
N VAL D 207 26.20 -23.05 19.75
CA VAL D 207 24.78 -22.61 19.76
C VAL D 207 24.36 -22.32 21.20
N GLY D 208 23.67 -21.21 21.42
CA GLY D 208 22.87 -20.95 22.63
C GLY D 208 21.41 -20.74 22.24
N ASP D 209 20.46 -21.27 23.00
CA ASP D 209 19.04 -21.21 22.59
C ASP D 209 18.14 -21.21 23.81
N LYS D 210 16.91 -20.71 23.64
CA LYS D 210 15.80 -20.90 24.59
C LYS D 210 14.57 -21.34 23.80
N THR D 211 13.92 -22.39 24.29
CA THR D 211 12.72 -23.03 23.69
C THR D 211 11.46 -22.47 24.36
N GLY D 212 10.33 -22.60 23.67
CA GLY D 212 8.98 -22.44 24.22
C GLY D 212 8.07 -23.54 23.70
N THR D 213 7.27 -24.12 24.59
CA THR D 213 6.26 -25.14 24.28
C THR D 213 4.98 -24.86 25.09
N CYS D 214 3.99 -24.20 24.51
CA CYS D 214 2.74 -23.78 25.20
C CYS D 214 1.91 -25.01 25.61
N GLY D 215 1.95 -26.08 24.81
CA GLY D 215 1.20 -27.33 25.08
C GLY D 215 -0.23 -27.29 24.57
N VAL D 216 -0.63 -26.22 23.89
CA VAL D 216 -1.95 -26.06 23.20
C VAL D 216 -1.73 -25.33 21.88
N TYR D 217 -2.65 -25.51 20.93
CA TYR D 217 -2.66 -24.73 19.67
C TYR D 217 -1.34 -24.94 18.91
N GLY D 218 -0.77 -26.15 18.97
CA GLY D 218 0.49 -26.50 18.29
C GLY D 218 1.52 -25.41 18.41
N THR D 219 1.61 -24.78 19.58
CA THR D 219 2.38 -23.51 19.73
C THR D 219 3.72 -23.83 20.40
N ALA D 220 4.81 -23.66 19.65
CA ALA D 220 6.17 -23.87 20.14
C ALA D 220 7.13 -23.00 19.34
N ASN D 221 8.35 -22.83 19.88
CA ASN D 221 9.31 -21.85 19.34
C ASN D 221 10.72 -22.17 19.88
N ASP D 222 11.69 -21.52 19.27
CA ASP D 222 13.11 -21.59 19.68
C ASP D 222 13.74 -20.30 19.17
N TYR D 223 14.61 -19.69 19.97
CA TYR D 223 15.53 -18.64 19.46
C TYR D 223 16.95 -19.03 19.84
N ALA D 224 17.92 -18.56 19.07
CA ALA D 224 19.32 -19.01 19.19
C ALA D 224 20.25 -17.93 18.67
N VAL D 225 21.44 -17.89 19.26
CA VAL D 225 22.65 -17.36 18.62
C VAL D 225 23.47 -18.58 18.19
N VAL D 226 23.97 -18.53 16.96
CA VAL D 226 24.80 -19.58 16.32
C VAL D 226 26.14 -18.97 15.92
N TRP D 227 27.25 -19.59 16.31
CA TRP D 227 28.61 -19.15 15.92
C TRP D 227 29.19 -20.14 14.91
N PRO D 228 29.04 -19.91 13.60
CA PRO D 228 29.69 -20.77 12.60
C PRO D 228 31.21 -20.61 12.72
N THR D 229 31.96 -21.70 12.59
CA THR D 229 33.43 -21.73 12.72
C THR D 229 34.05 -20.63 11.85
N GLY D 230 34.77 -19.71 12.48
CA GLY D 230 35.53 -18.64 11.82
C GLY D 230 34.65 -17.57 11.18
N ARG D 231 33.36 -17.49 11.50
CA ARG D 231 32.46 -16.49 10.85
C ARG D 231 31.69 -15.72 11.93
N ALA D 232 31.16 -14.56 11.56
CA ALA D 232 30.31 -13.73 12.44
C ALA D 232 29.10 -14.55 12.86
N PRO D 233 28.61 -14.39 14.09
CA PRO D 233 27.42 -15.12 14.54
C PRO D 233 26.15 -14.77 13.76
N ILE D 234 25.21 -15.71 13.81
CA ILE D 234 23.83 -15.58 13.27
C ILE D 234 22.86 -15.62 14.46
N VAL D 235 21.88 -14.74 14.46
CA VAL D 235 20.79 -14.69 15.48
C VAL D 235 19.48 -14.98 14.76
N LEU D 236 18.64 -15.86 15.31
CA LEU D 236 17.37 -16.22 14.66
C LEU D 236 16.34 -16.70 15.69
N ALA D 237 15.08 -16.52 15.32
CA ALA D 237 13.89 -16.92 16.08
C ALA D 237 12.95 -17.68 15.13
N VAL D 238 12.42 -18.80 15.60
CA VAL D 238 11.39 -19.61 14.89
C VAL D 238 10.21 -19.78 15.84
N TYR D 239 9.07 -19.23 15.45
CA TYR D 239 7.83 -19.32 16.27
C TYR D 239 6.75 -20.02 15.46
N THR D 240 6.00 -20.89 16.12
CA THR D 240 4.94 -21.65 15.43
C THR D 240 3.64 -21.55 16.22
N ARG D 241 2.52 -21.58 15.52
CA ARG D 241 1.20 -21.62 16.19
C ARG D 241 0.25 -22.36 15.26
N ALA D 242 -0.88 -22.84 15.80
CA ALA D 242 -1.85 -23.60 14.99
C ALA D 242 -3.28 -23.19 15.37
N PRO D 243 -4.27 -23.38 14.50
CA PRO D 243 -5.64 -22.90 14.76
C PRO D 243 -6.51 -23.68 15.78
N ASN D 244 -6.21 -24.96 16.02
CA ASN D 244 -7.05 -25.79 16.93
C ASN D 244 -6.34 -26.06 18.25
N LYS D 245 -7.08 -25.97 19.35
CA LYS D 245 -6.56 -26.17 20.72
C LYS D 245 -5.78 -27.47 20.85
N ASP D 246 -6.17 -28.56 20.19
CA ASP D 246 -5.54 -29.90 20.37
C ASP D 246 -4.50 -30.16 19.25
N ASP D 247 -4.20 -29.21 18.37
CA ASP D 247 -3.09 -29.37 17.40
C ASP D 247 -1.79 -29.66 18.16
N LYS D 248 -1.03 -30.63 17.70
CA LYS D 248 0.31 -31.01 18.22
C LYS D 248 1.35 -30.03 17.67
N HIS D 249 2.24 -29.54 18.54
CA HIS D 249 3.46 -28.81 18.12
C HIS D 249 4.39 -29.80 17.41
N SER D 250 5.33 -29.29 16.61
CA SER D 250 6.35 -30.12 15.91
C SER D 250 7.75 -29.53 16.11
N GLU D 251 8.63 -30.27 16.77
CA GLU D 251 10.07 -29.94 16.84
C GLU D 251 10.67 -29.99 15.42
N ALA D 252 10.30 -31.01 14.63
CA ALA D 252 10.83 -31.22 13.26
C ALA D 252 10.54 -29.99 12.38
N VAL D 253 9.35 -29.44 12.50
CA VAL D 253 8.96 -28.23 11.73
C VAL D 253 9.85 -27.05 12.15
N ILE D 254 10.12 -26.89 13.46
CA ILE D 254 10.97 -25.77 13.94
C ILE D 254 12.38 -25.95 13.38
N ALA D 255 12.94 -27.17 13.43
CA ALA D 255 14.25 -27.51 12.86
C ALA D 255 14.27 -27.18 11.37
N ALA D 256 13.22 -27.57 10.64
CA ALA D 256 13.19 -27.42 9.16
C ALA D 256 13.16 -25.92 8.82
N ALA D 257 12.43 -25.14 9.61
CA ALA D 257 12.32 -23.68 9.43
C ALA D 257 13.67 -23.03 9.70
N ALA D 258 14.39 -23.51 10.73
CA ALA D 258 15.76 -23.01 11.05
C ALA D 258 16.70 -23.31 9.87
N ARG D 259 16.64 -24.52 9.31
CA ARG D 259 17.43 -24.90 8.11
C ARG D 259 17.14 -23.91 6.99
N LEU D 260 15.87 -23.64 6.70
CA LEU D 260 15.51 -22.72 5.58
C LEU D 260 16.06 -21.34 5.87
N ALA D 261 15.95 -20.86 7.12
CA ALA D 261 16.39 -19.50 7.49
C ALA D 261 17.90 -19.37 7.24
N LEU D 262 18.66 -20.38 7.66
CA LEU D 262 20.15 -20.37 7.51
C LEU D 262 20.52 -20.48 6.02
N GLU D 263 19.87 -21.37 5.27
CA GLU D 263 20.08 -21.47 3.80
C GLU D 263 19.74 -20.13 3.14
N GLY D 264 18.68 -19.45 3.60
CA GLY D 264 18.23 -18.15 3.05
C GLY D 264 19.28 -17.06 3.23
N LEU D 265 20.18 -17.21 4.21
CA LEU D 265 21.26 -16.24 4.48
C LEU D 265 22.52 -16.56 3.65
N GLY D 266 22.46 -17.61 2.81
CA GLY D 266 23.57 -17.99 1.89
C GLY D 266 24.11 -16.81 1.09
#